data_8OZZ
#
_entry.id   8OZZ
#
_entity_poly.entity_id   1
_entity_poly.type   'polypeptide(L)'
_entity_poly.pdbx_seq_one_letter_code
;MGSVEYSGYLQKTGGKFYKKNQTRYFELRGPMLCYWKRRPSGPHVSPTGTIDLTNARFVENPKDPRSWTIEGDHLSKTFT
LTADTEEQREAWVREMSKVKPENREQLEHHHHHH
;
_entity_poly.pdbx_strand_id   A
#
# COMPACT_ATOMS: atom_id res chain seq x y z
N MET A 1 -11.24 10.62 -0.62
CA MET A 1 -11.24 11.06 -2.01
C MET A 1 -12.11 10.16 -2.88
N GLY A 2 -11.68 8.92 -3.05
CA GLY A 2 -12.42 7.94 -3.85
C GLY A 2 -11.80 7.76 -5.22
N SER A 3 -11.08 8.78 -5.68
CA SER A 3 -10.35 8.68 -6.94
C SER A 3 -9.01 8.00 -6.73
N VAL A 4 -8.37 7.62 -7.85
CA VAL A 4 -7.06 6.97 -7.79
C VAL A 4 -5.94 7.97 -8.06
N GLU A 5 -4.96 8.01 -7.17
CA GLU A 5 -3.80 8.87 -7.35
C GLU A 5 -2.62 8.09 -7.91
N TYR A 6 -2.52 6.83 -7.54
CA TYR A 6 -1.41 5.98 -7.96
C TYR A 6 -1.76 4.50 -7.85
N SER A 7 -1.19 3.69 -8.73
CA SER A 7 -1.38 2.24 -8.68
C SER A 7 -0.17 1.51 -9.25
N GLY A 8 -0.06 0.23 -8.93
CA GLY A 8 1.07 -0.58 -9.40
C GLY A 8 1.09 -1.94 -8.72
N TYR A 9 2.15 -2.70 -8.96
CA TYR A 9 2.30 -4.02 -8.37
C TYR A 9 3.33 -4.03 -7.25
N LEU A 10 3.09 -4.85 -6.24
CA LEU A 10 4.06 -5.04 -5.16
C LEU A 10 4.28 -6.51 -4.86
N GLN A 11 5.39 -6.82 -4.20
CA GLN A 11 5.59 -8.15 -3.64
C GLN A 11 5.10 -8.23 -2.20
N LYS A 12 4.54 -9.38 -1.84
CA LYS A 12 4.10 -9.60 -0.47
C LYS A 12 4.09 -11.09 -0.14
N THR A 13 3.95 -11.41 1.15
CA THR A 13 3.72 -12.78 1.58
C THR A 13 2.35 -13.27 1.15
N GLY A 14 2.29 -14.54 0.73
CA GLY A 14 1.03 -15.12 0.25
C GLY A 14 1.10 -16.64 0.26
N GLY A 15 0.27 -17.27 -0.55
CA GLY A 15 0.04 -18.71 -0.45
C GLY A 15 -0.90 -19.04 0.72
N LYS A 16 -1.18 -20.32 0.91
CA LYS A 16 -2.18 -20.76 1.88
C LYS A 16 -1.88 -20.19 3.26
N PHE A 17 -0.60 -20.17 3.63
CA PHE A 17 -0.21 -19.83 4.99
C PHE A 17 0.49 -18.48 5.02
N TYR A 18 0.35 -17.71 3.95
CA TYR A 18 0.96 -16.39 3.86
C TYR A 18 2.47 -16.46 4.11
N LYS A 19 3.14 -17.33 3.37
CA LYS A 19 4.57 -17.53 3.55
C LYS A 19 5.34 -17.20 2.27
N LYS A 20 4.69 -17.41 1.14
CA LYS A 20 5.38 -17.36 -0.16
C LYS A 20 5.39 -15.95 -0.72
N ASN A 21 6.40 -15.64 -1.53
CA ASN A 21 6.49 -14.35 -2.19
C ASN A 21 5.62 -14.31 -3.44
N GLN A 22 4.55 -13.52 -3.37
CA GLN A 22 3.61 -13.41 -4.48
C GLN A 22 3.38 -11.96 -4.88
N THR A 23 3.01 -11.75 -6.14
CA THR A 23 2.77 -10.41 -6.65
C THR A 23 1.29 -10.09 -6.73
N ARG A 24 0.91 -8.91 -6.25
CA ARG A 24 -0.49 -8.49 -6.28
C ARG A 24 -0.63 -7.05 -6.76
N TYR A 25 -1.77 -6.73 -7.34
CA TYR A 25 -2.06 -5.37 -7.78
C TYR A 25 -2.50 -4.49 -6.62
N PHE A 26 -1.91 -3.30 -6.52
CA PHE A 26 -2.31 -2.32 -5.51
C PHE A 26 -2.80 -1.03 -6.14
N GLU A 27 -3.73 -0.37 -5.47
CA GLU A 27 -4.30 0.87 -5.98
C GLU A 27 -4.55 1.87 -4.86
N LEU A 28 -4.03 3.08 -5.04
CA LEU A 28 -4.05 4.09 -3.98
C LEU A 28 -5.18 5.09 -4.20
N ARG A 29 -6.08 5.18 -3.23
CA ARG A 29 -7.20 6.12 -3.31
C ARG A 29 -7.24 7.04 -2.10
N GLY A 30 -6.61 8.20 -2.23
CA GLY A 30 -6.35 9.06 -1.09
C GLY A 30 -5.49 8.36 -0.05
N PRO A 31 -5.87 8.47 1.21
CA PRO A 31 -5.13 7.85 2.30
C PRO A 31 -5.44 6.36 2.40
N MET A 32 -6.39 5.91 1.58
CA MET A 32 -6.81 4.51 1.61
C MET A 32 -6.07 3.69 0.57
N LEU A 33 -5.61 2.51 0.97
CA LEU A 33 -4.98 1.58 0.04
C LEU A 33 -5.92 0.44 -0.32
N CYS A 34 -6.04 0.17 -1.62
CA CYS A 34 -6.73 -1.04 -2.09
C CYS A 34 -5.73 -2.07 -2.61
N TYR A 35 -6.07 -3.34 -2.45
CA TYR A 35 -5.35 -4.41 -3.12
C TYR A 35 -6.31 -5.43 -3.72
N TRP A 36 -5.86 -6.10 -4.78
CA TRP A 36 -6.73 -6.99 -5.55
C TRP A 36 -6.05 -8.33 -5.81
N LYS A 37 -6.83 -9.40 -5.82
CA LYS A 37 -6.38 -10.68 -6.33
C LYS A 37 -6.04 -10.59 -7.82
N ARG A 38 -6.76 -9.72 -8.53
CA ARG A 38 -6.52 -9.54 -9.95
C ARG A 38 -6.98 -8.16 -10.41
N ARG A 39 -6.55 -7.77 -11.62
CA ARG A 39 -6.90 -6.47 -12.16
C ARG A 39 -8.40 -6.35 -12.40
N PRO A 40 -8.98 -5.22 -12.00
CA PRO A 40 -10.40 -4.98 -12.18
C PRO A 40 -10.73 -4.64 -13.63
N SER A 41 -12.00 -4.77 -13.99
CA SER A 41 -12.47 -4.30 -15.29
C SER A 41 -12.75 -2.81 -15.27
N GLY A 42 -12.71 -2.21 -14.09
CA GLY A 42 -12.96 -0.79 -13.93
C GLY A 42 -12.91 -0.38 -12.46
N PRO A 43 -12.97 0.92 -12.21
CA PRO A 43 -12.88 1.46 -10.86
C PRO A 43 -14.12 1.09 -10.04
N HIS A 44 -15.18 0.70 -10.74
CA HIS A 44 -16.44 0.36 -10.09
C HIS A 44 -16.35 -1.01 -9.40
N VAL A 45 -15.29 -1.74 -9.71
CA VAL A 45 -15.11 -3.09 -9.18
C VAL A 45 -14.56 -3.06 -7.76
N SER A 46 -15.18 -3.84 -6.88
CA SER A 46 -14.74 -3.91 -5.48
C SER A 46 -13.37 -4.57 -5.37
N PRO A 47 -12.52 -4.01 -4.52
CA PRO A 47 -11.21 -4.61 -4.24
C PRO A 47 -11.34 -5.85 -3.37
N THR A 48 -10.29 -6.64 -3.30
CA THR A 48 -10.23 -7.78 -2.39
C THR A 48 -10.20 -7.32 -0.93
N GLY A 49 -9.48 -6.24 -0.67
CA GLY A 49 -9.47 -5.64 0.65
C GLY A 49 -8.76 -4.29 0.63
N THR A 50 -8.79 -3.59 1.75
CA THR A 50 -8.22 -2.25 1.84
C THR A 50 -7.36 -2.10 3.10
N ILE A 51 -6.44 -1.14 3.08
CA ILE A 51 -5.70 -0.77 4.27
C ILE A 51 -5.79 0.73 4.54
N ASP A 52 -6.07 1.08 5.79
CA ASP A 52 -6.12 2.48 6.20
C ASP A 52 -4.72 3.00 6.55
N LEU A 53 -4.16 3.82 5.67
CA LEU A 53 -2.79 4.27 5.82
C LEU A 53 -2.73 5.73 6.27
N THR A 54 -3.84 6.22 6.81
CA THR A 54 -3.94 7.60 7.25
C THR A 54 -2.88 7.92 8.30
N ASN A 55 -2.00 8.87 7.98
CA ASN A 55 -0.92 9.26 8.89
C ASN A 55 -0.10 8.04 9.30
N ALA A 56 0.09 7.12 8.37
CA ALA A 56 0.93 5.95 8.61
C ALA A 56 2.40 6.30 8.50
N ARG A 57 3.23 5.60 9.26
CA ARG A 57 4.68 5.73 9.14
C ARG A 57 5.28 4.61 8.31
N PHE A 58 6.23 4.96 7.45
CA PHE A 58 6.84 3.98 6.55
C PHE A 58 8.36 3.93 6.74
N VAL A 59 8.85 2.78 7.16
CA VAL A 59 10.28 2.61 7.44
C VAL A 59 10.88 1.48 6.61
N GLU A 60 12.03 1.76 6.00
CA GLU A 60 12.71 0.77 5.19
C GLU A 60 13.33 -0.32 6.05
N ASN A 61 13.27 -1.56 5.58
CA ASN A 61 14.04 -2.65 6.16
C ASN A 61 15.53 -2.46 5.93
N PRO A 62 16.32 -2.59 6.99
CA PRO A 62 17.75 -2.33 6.93
C PRO A 62 18.45 -3.34 6.04
N LYS A 63 17.80 -4.46 5.78
CA LYS A 63 18.35 -5.51 4.93
C LYS A 63 17.81 -5.41 3.51
N ASP A 64 16.78 -4.59 3.34
CA ASP A 64 16.07 -4.51 2.06
C ASP A 64 15.33 -3.19 1.93
N PRO A 65 15.97 -2.21 1.29
CA PRO A 65 15.41 -0.87 1.19
C PRO A 65 14.05 -0.89 0.50
N ARG A 66 13.79 -1.95 -0.26
CA ARG A 66 12.58 -2.05 -1.07
C ARG A 66 11.40 -2.56 -0.25
N SER A 67 11.69 -3.10 0.92
CA SER A 67 10.68 -3.68 1.79
C SER A 67 10.28 -2.71 2.90
N TRP A 68 9.12 -2.09 2.74
CA TRP A 68 8.65 -1.09 3.70
C TRP A 68 7.92 -1.73 4.87
N THR A 69 8.20 -1.25 6.07
CA THR A 69 7.38 -1.58 7.23
C THR A 69 6.37 -0.47 7.53
N ILE A 70 5.10 -0.86 7.63
CA ILE A 70 4.02 0.11 7.74
C ILE A 70 3.30 0.00 9.07
N GLU A 71 3.34 1.08 9.85
CA GLU A 71 2.68 1.12 11.15
C GLU A 71 2.08 2.50 11.42
N GLY A 72 1.00 2.52 12.19
CA GLY A 72 0.36 3.78 12.57
C GLY A 72 -0.86 3.53 13.44
N ASP A 73 -1.34 4.58 14.10
CA ASP A 73 -2.43 4.45 15.07
C ASP A 73 -3.71 4.00 14.39
N HIS A 74 -3.89 4.39 13.13
CA HIS A 74 -5.11 4.09 12.41
C HIS A 74 -5.01 2.77 11.66
N LEU A 75 -3.86 2.11 11.79
CA LEU A 75 -3.58 0.90 11.04
C LEU A 75 -4.05 -0.34 11.79
N SER A 76 -4.86 -1.16 11.13
CA SER A 76 -5.44 -2.35 11.77
C SER A 76 -4.35 -3.31 12.22
N LYS A 77 -3.26 -3.35 11.48
CA LYS A 77 -2.12 -4.19 11.84
C LYS A 77 -0.89 -3.84 11.01
N THR A 78 0.28 -4.23 11.50
CA THR A 78 1.53 -4.01 10.78
C THR A 78 1.51 -4.72 9.43
N PHE A 79 1.87 -3.98 8.38
CA PHE A 79 1.95 -4.56 7.03
C PHE A 79 3.35 -4.46 6.48
N THR A 80 3.66 -5.30 5.50
CA THR A 80 4.89 -5.17 4.72
C THR A 80 4.59 -4.99 3.25
N LEU A 81 5.17 -3.97 2.64
CA LEU A 81 4.97 -3.70 1.22
C LEU A 81 6.30 -3.59 0.49
N THR A 82 6.58 -4.58 -0.35
CA THR A 82 7.90 -4.70 -0.98
C THR A 82 7.83 -4.26 -2.44
N ALA A 83 8.62 -3.25 -2.78
CA ALA A 83 8.63 -2.70 -4.13
C ALA A 83 9.49 -3.54 -5.06
N ASP A 84 9.27 -3.39 -6.36
CA ASP A 84 10.03 -4.14 -7.36
C ASP A 84 11.24 -3.34 -7.83
N THR A 85 11.11 -2.02 -7.84
CA THR A 85 12.13 -1.16 -8.43
C THR A 85 12.58 -0.08 -7.45
N GLU A 86 13.72 0.54 -7.73
CA GLU A 86 14.22 1.63 -6.91
C GLU A 86 13.34 2.86 -7.02
N GLU A 87 12.82 3.11 -8.22
CA GLU A 87 11.92 4.23 -8.45
C GLU A 87 10.62 4.05 -7.68
N GLN A 88 10.10 2.83 -7.68
CA GLN A 88 8.88 2.52 -6.93
C GLN A 88 9.12 2.61 -5.43
N ARG A 89 10.29 2.15 -5.00
CA ARG A 89 10.67 2.20 -3.59
C ARG A 89 10.37 3.58 -3.00
N GLU A 90 10.84 4.62 -3.67
CA GLU A 90 10.66 5.98 -3.19
C GLU A 90 9.27 6.50 -3.51
N ALA A 91 8.85 6.33 -4.76
CA ALA A 91 7.60 6.89 -5.24
C ALA A 91 6.41 6.36 -4.45
N TRP A 92 6.46 5.07 -4.11
CA TRP A 92 5.36 4.41 -3.41
C TRP A 92 4.95 5.21 -2.18
N VAL A 93 5.89 5.46 -1.29
CA VAL A 93 5.60 6.13 -0.03
C VAL A 93 5.30 7.60 -0.25
N ARG A 94 6.02 8.23 -1.17
CA ARG A 94 5.83 9.63 -1.48
C ARG A 94 4.40 9.91 -1.92
N GLU A 95 3.88 9.07 -2.81
CA GLU A 95 2.52 9.21 -3.31
C GLU A 95 1.50 9.02 -2.19
N MET A 96 1.83 8.17 -1.24
CA MET A 96 0.96 7.92 -0.09
C MET A 96 1.13 9.01 0.97
N SER A 97 2.04 9.94 0.72
CA SER A 97 2.27 11.05 1.63
C SER A 97 1.66 12.34 1.09
N LYS A 98 1.55 12.43 -0.22
CA LYS A 98 0.94 13.58 -0.87
C LYS A 98 -0.53 13.69 -0.51
N VAL A 99 -1.18 12.54 -0.31
CA VAL A 99 -2.62 12.49 -0.11
C VAL A 99 -3.01 13.05 1.26
N LYS A 100 -4.17 13.69 1.32
CA LYS A 100 -4.68 14.23 2.57
C LYS A 100 -5.34 13.15 3.41
N PRO A 101 -5.26 13.30 4.73
CA PRO A 101 -5.94 12.41 5.65
C PRO A 101 -7.45 12.64 5.63
N GLU A 102 -8.20 11.61 6.02
CA GLU A 102 -9.65 11.74 6.14
C GLU A 102 -10.09 11.59 7.59
N ASN A 103 -9.30 10.89 8.38
CA ASN A 103 -9.64 10.63 9.77
C ASN A 103 -9.36 11.84 10.65
N ARG A 104 -10.13 11.96 11.72
CA ARG A 104 -9.92 13.04 12.69
C ARG A 104 -8.63 12.84 13.48
N GLU A 105 -7.97 13.94 13.80
CA GLU A 105 -6.75 13.89 14.60
C GLU A 105 -7.03 13.31 15.98
N GLN A 106 -6.10 12.50 16.47
CA GLN A 106 -6.24 11.86 17.78
C GLN A 106 -5.41 12.57 18.84
N LEU A 107 -5.77 12.38 20.10
CA LEU A 107 -5.02 12.96 21.21
C LEU A 107 -3.86 12.04 21.62
N GLU A 108 -2.64 12.56 21.53
CA GLU A 108 -1.47 11.79 21.89
C GLU A 108 -1.13 11.95 23.37
N HIS A 109 -1.80 12.89 24.02
CA HIS A 109 -1.53 13.20 25.42
C HIS A 109 -0.12 13.74 25.61
N MET A 1 -15.40 4.03 -6.70
CA MET A 1 -14.29 3.81 -7.62
C MET A 1 -13.89 5.10 -8.32
N GLY A 2 -13.13 5.94 -7.62
CA GLY A 2 -12.69 7.22 -8.17
C GLY A 2 -11.30 7.11 -8.77
N SER A 3 -10.67 8.26 -9.02
CA SER A 3 -9.34 8.30 -9.62
C SER A 3 -8.28 7.79 -8.64
N VAL A 4 -7.14 7.40 -9.18
CA VAL A 4 -6.06 6.87 -8.36
C VAL A 4 -4.77 7.66 -8.57
N GLU A 5 -4.09 7.98 -7.48
CA GLU A 5 -2.90 8.82 -7.52
C GLU A 5 -1.68 8.02 -7.98
N TYR A 6 -1.60 6.76 -7.54
CA TYR A 6 -0.55 5.87 -7.97
C TYR A 6 -1.01 4.42 -7.97
N SER A 7 -0.58 3.66 -8.98
CA SER A 7 -0.99 2.27 -9.11
C SER A 7 0.17 1.40 -9.58
N GLY A 8 0.08 0.10 -9.30
CA GLY A 8 1.09 -0.85 -9.75
C GLY A 8 0.94 -2.19 -9.04
N TYR A 9 2.01 -2.99 -9.09
CA TYR A 9 1.99 -4.30 -8.45
C TYR A 9 3.04 -4.39 -7.35
N LEU A 10 2.69 -5.05 -6.25
CA LEU A 10 3.63 -5.27 -5.16
C LEU A 10 3.68 -6.76 -4.77
N GLN A 11 4.76 -7.15 -4.12
CA GLN A 11 4.86 -8.47 -3.51
C GLN A 11 4.37 -8.44 -2.07
N LYS A 12 3.73 -9.52 -1.63
CA LYS A 12 3.31 -9.66 -0.24
C LYS A 12 3.32 -11.12 0.19
N THR A 13 3.26 -11.35 1.50
CA THR A 13 3.10 -12.70 2.04
C THR A 13 1.81 -13.34 1.52
N GLY A 14 1.93 -14.56 1.03
CA GLY A 14 0.79 -15.29 0.50
C GLY A 14 1.04 -16.80 0.48
N GLY A 15 0.32 -17.50 -0.39
CA GLY A 15 0.29 -18.95 -0.34
C GLY A 15 -0.76 -19.45 0.65
N LYS A 16 -1.07 -20.75 0.57
CA LYS A 16 -2.13 -21.32 1.38
C LYS A 16 -1.92 -21.03 2.86
N PHE A 17 -0.67 -21.08 3.30
CA PHE A 17 -0.35 -20.92 4.71
C PHE A 17 0.46 -19.66 4.96
N TYR A 18 0.34 -18.70 4.05
CA TYR A 18 1.02 -17.42 4.19
C TYR A 18 2.53 -17.62 4.37
N LYS A 19 3.14 -18.31 3.41
CA LYS A 19 4.56 -18.66 3.51
C LYS A 19 5.35 -18.04 2.38
N LYS A 20 4.69 -17.78 1.25
CA LYS A 20 5.37 -17.45 0.01
C LYS A 20 5.25 -15.97 -0.31
N ASN A 21 6.15 -15.48 -1.15
CA ASN A 21 6.04 -14.12 -1.70
C ASN A 21 5.29 -14.12 -3.02
N GLN A 22 4.12 -13.49 -3.04
CA GLN A 22 3.28 -13.49 -4.22
C GLN A 22 2.96 -12.07 -4.68
N THR A 23 2.74 -11.90 -5.98
CA THR A 23 2.48 -10.58 -6.55
C THR A 23 0.99 -10.30 -6.61
N ARG A 24 0.59 -9.12 -6.13
CA ARG A 24 -0.81 -8.70 -6.18
C ARG A 24 -0.94 -7.26 -6.66
N TYR A 25 -2.11 -6.93 -7.20
CA TYR A 25 -2.35 -5.59 -7.72
C TYR A 25 -2.71 -4.61 -6.61
N PHE A 26 -2.01 -3.48 -6.58
CA PHE A 26 -2.25 -2.46 -5.56
C PHE A 26 -2.62 -1.13 -6.19
N GLU A 27 -3.40 -0.33 -5.47
CA GLU A 27 -3.63 1.06 -5.84
C GLU A 27 -3.55 1.96 -4.62
N LEU A 28 -3.01 3.17 -4.81
CA LEU A 28 -2.92 4.15 -3.74
C LEU A 28 -3.76 5.38 -4.05
N ARG A 29 -4.74 5.65 -3.19
CA ARG A 29 -5.64 6.79 -3.39
C ARG A 29 -5.85 7.55 -2.09
N GLY A 30 -5.21 8.71 -1.98
CA GLY A 30 -5.18 9.46 -0.73
C GLY A 30 -4.61 8.61 0.40
N PRO A 31 -5.33 8.59 1.53
CA PRO A 31 -4.87 7.85 2.70
C PRO A 31 -5.29 6.39 2.63
N MET A 32 -5.85 6.00 1.49
CA MET A 32 -6.41 4.66 1.34
C MET A 32 -5.50 3.78 0.47
N LEU A 33 -5.16 2.61 0.99
CA LEU A 33 -4.54 1.57 0.18
C LEU A 33 -5.55 0.52 -0.25
N CYS A 34 -5.57 0.21 -1.54
CA CYS A 34 -6.41 -0.87 -2.06
C CYS A 34 -5.55 -2.00 -2.62
N TYR A 35 -6.02 -3.23 -2.41
CA TYR A 35 -5.39 -4.39 -3.03
C TYR A 35 -6.43 -5.36 -3.58
N TRP A 36 -6.05 -6.12 -4.60
CA TRP A 36 -6.92 -7.14 -5.18
C TRP A 36 -6.33 -8.52 -4.99
N LYS A 37 -7.15 -9.44 -4.48
CA LYS A 37 -6.82 -10.86 -4.49
C LYS A 37 -7.15 -11.49 -5.83
N ARG A 38 -7.78 -10.71 -6.71
CA ARG A 38 -8.16 -11.19 -8.03
C ARG A 38 -7.53 -10.36 -9.14
N ARG A 39 -8.01 -10.55 -10.35
CA ARG A 39 -7.46 -9.86 -11.52
C ARG A 39 -7.42 -8.35 -11.29
N PRO A 40 -6.50 -7.68 -11.96
CA PRO A 40 -6.39 -6.23 -11.87
C PRO A 40 -7.74 -5.56 -12.14
N SER A 41 -8.03 -4.51 -11.39
CA SER A 41 -9.34 -3.87 -11.43
C SER A 41 -9.73 -3.53 -12.87
N GLY A 42 -10.79 -4.17 -13.36
CA GLY A 42 -11.44 -3.76 -14.59
C GLY A 42 -12.49 -2.68 -14.34
N PRO A 43 -13.35 -2.46 -15.32
CA PRO A 43 -14.40 -1.46 -15.20
C PRO A 43 -15.27 -1.71 -13.96
N HIS A 44 -15.15 -0.82 -12.98
CA HIS A 44 -15.99 -0.87 -11.79
C HIS A 44 -15.78 -2.18 -11.04
N VAL A 45 -14.55 -2.68 -11.05
CA VAL A 45 -14.20 -3.87 -10.28
C VAL A 45 -13.59 -3.48 -8.93
N SER A 46 -14.36 -3.67 -7.87
CA SER A 46 -13.97 -3.20 -6.55
C SER A 46 -12.80 -4.02 -5.99
N PRO A 47 -12.04 -3.42 -5.08
CA PRO A 47 -10.97 -4.14 -4.40
C PRO A 47 -11.52 -5.19 -3.45
N THR A 48 -10.67 -6.14 -3.08
CA THR A 48 -11.07 -7.21 -2.17
C THR A 48 -10.71 -6.89 -0.74
N GLY A 49 -10.30 -5.65 -0.50
CA GLY A 49 -9.89 -5.21 0.83
C GLY A 49 -9.03 -3.95 0.76
N THR A 50 -9.14 -3.11 1.78
CA THR A 50 -8.41 -1.85 1.81
C THR A 50 -7.75 -1.63 3.17
N ILE A 51 -6.77 -0.74 3.20
CA ILE A 51 -6.19 -0.27 4.46
C ILE A 51 -6.30 1.25 4.57
N ASP A 52 -6.97 1.72 5.61
CA ASP A 52 -7.21 3.15 5.79
C ASP A 52 -6.16 3.76 6.73
N LEU A 53 -5.31 4.62 6.16
CA LEU A 53 -4.18 5.17 6.91
C LEU A 53 -4.61 6.36 7.75
N THR A 54 -5.49 6.10 8.73
CA THR A 54 -5.95 7.14 9.63
C THR A 54 -4.93 7.39 10.74
N ASN A 55 -4.02 6.44 10.93
CA ASN A 55 -2.92 6.62 11.87
C ASN A 55 -1.75 5.71 11.52
N ALA A 56 -0.74 6.28 10.86
CA ALA A 56 0.31 5.49 10.25
C ALA A 56 1.60 6.32 10.09
N ARG A 57 2.73 5.63 10.12
CA ARG A 57 4.01 6.26 9.80
C ARG A 57 4.78 5.44 8.77
N PHE A 58 5.66 6.11 8.02
CA PHE A 58 6.52 5.44 7.06
C PHE A 58 7.83 5.01 7.71
N VAL A 59 8.18 3.73 7.56
CA VAL A 59 9.44 3.23 8.07
C VAL A 59 10.28 2.60 6.97
N GLU A 60 11.55 2.98 6.91
CA GLU A 60 12.46 2.47 5.89
C GLU A 60 12.94 1.07 6.24
N ASN A 61 13.23 0.27 5.21
CA ASN A 61 13.92 -1.00 5.40
C ASN A 61 15.36 -0.93 4.94
N PRO A 62 16.28 -0.88 5.89
CA PRO A 62 17.69 -0.65 5.59
C PRO A 62 18.34 -1.91 5.03
N LYS A 63 17.61 -3.02 5.06
CA LYS A 63 18.14 -4.29 4.58
C LYS A 63 17.65 -4.58 3.16
N ASP A 64 16.66 -3.80 2.71
CA ASP A 64 16.04 -4.04 1.42
C ASP A 64 15.43 -2.76 0.87
N PRO A 65 16.17 -2.08 0.01
CA PRO A 65 15.73 -0.80 -0.54
C PRO A 65 14.41 -0.96 -1.29
N ARG A 66 14.09 -2.19 -1.66
CA ARG A 66 12.89 -2.46 -2.45
C ARG A 66 11.65 -2.52 -1.58
N SER A 67 11.86 -2.66 -0.28
CA SER A 67 10.76 -2.87 0.66
C SER A 67 10.64 -1.70 1.64
N TRP A 68 9.42 -1.47 2.14
CA TRP A 68 9.20 -0.48 3.16
C TRP A 68 7.97 -0.82 4.01
N THR A 69 7.92 -0.27 5.22
CA THR A 69 6.94 -0.69 6.20
C THR A 69 5.99 0.44 6.57
N ILE A 70 4.71 0.12 6.68
CA ILE A 70 3.73 1.06 7.22
C ILE A 70 3.05 0.50 8.46
N GLU A 71 3.10 1.27 9.55
CA GLU A 71 2.58 0.81 10.83
C GLU A 71 1.98 1.96 11.63
N GLY A 72 1.13 1.63 12.59
CA GLY A 72 0.44 2.64 13.38
C GLY A 72 -0.83 2.08 14.02
N ASP A 73 -1.64 2.96 14.59
CA ASP A 73 -2.79 2.55 15.37
C ASP A 73 -3.95 2.12 14.46
N HIS A 74 -3.79 2.34 13.17
CA HIS A 74 -4.82 1.99 12.19
C HIS A 74 -4.84 0.49 11.94
N LEU A 75 -3.80 -0.20 12.40
CA LEU A 75 -3.74 -1.65 12.27
C LEU A 75 -3.40 -2.31 13.60
N SER A 76 -3.84 -3.56 13.76
CA SER A 76 -3.41 -4.38 14.89
C SER A 76 -2.06 -5.02 14.63
N LYS A 77 -1.55 -4.87 13.41
CA LYS A 77 -0.29 -5.48 13.01
C LYS A 77 0.48 -4.57 12.06
N THR A 78 1.80 -4.73 12.05
CA THR A 78 2.64 -4.06 11.06
C THR A 78 2.43 -4.64 9.67
N PHE A 79 2.33 -3.75 8.68
CA PHE A 79 2.16 -4.18 7.29
C PHE A 79 3.31 -3.69 6.41
N THR A 80 3.99 -4.63 5.76
CA THR A 80 5.16 -4.30 4.96
C THR A 80 4.88 -4.52 3.47
N LEU A 81 5.30 -3.56 2.65
CA LEU A 81 5.19 -3.69 1.21
C LEU A 81 6.54 -3.99 0.57
N THR A 82 6.54 -4.87 -0.41
CA THR A 82 7.74 -5.13 -1.20
C THR A 82 7.49 -4.87 -2.68
N ALA A 83 8.34 -4.04 -3.29
CA ALA A 83 8.23 -3.73 -4.70
C ALA A 83 9.28 -4.49 -5.51
N ASP A 84 9.15 -4.44 -6.83
CA ASP A 84 10.14 -5.03 -7.72
C ASP A 84 11.34 -4.11 -7.92
N THR A 85 11.06 -2.81 -7.99
CA THR A 85 12.12 -1.82 -8.20
C THR A 85 12.11 -0.77 -7.11
N GLU A 86 13.25 -0.11 -6.92
CA GLU A 86 13.35 1.01 -5.99
C GLU A 86 12.50 2.18 -6.45
N GLU A 87 12.33 2.31 -7.76
CA GLU A 87 11.51 3.38 -8.33
C GLU A 87 10.06 3.24 -7.90
N GLN A 88 9.57 2.00 -7.86
CA GLN A 88 8.23 1.72 -7.36
C GLN A 88 8.11 2.10 -5.88
N ARG A 89 9.13 1.75 -5.10
CA ARG A 89 9.15 2.10 -3.69
C ARG A 89 9.08 3.62 -3.49
N GLU A 90 10.01 4.33 -4.11
CA GLU A 90 10.10 5.77 -3.94
C GLU A 90 8.82 6.47 -4.36
N ALA A 91 8.30 6.08 -5.52
CA ALA A 91 7.09 6.71 -6.06
C ALA A 91 5.92 6.54 -5.11
N TRP A 92 5.73 5.33 -4.62
CA TRP A 92 4.63 5.03 -3.69
C TRP A 92 4.74 5.89 -2.43
N VAL A 93 5.91 5.87 -1.81
CA VAL A 93 6.09 6.49 -0.50
C VAL A 93 5.89 8.00 -0.58
N ARG A 94 6.44 8.62 -1.62
CA ARG A 94 6.32 10.05 -1.82
C ARG A 94 4.86 10.47 -1.95
N GLU A 95 4.12 9.74 -2.78
CA GLU A 95 2.71 10.02 -2.99
C GLU A 95 1.91 9.81 -1.71
N MET A 96 2.28 8.78 -0.94
CA MET A 96 1.67 8.55 0.36
C MET A 96 2.00 9.67 1.34
N SER A 97 3.25 10.10 1.33
CA SER A 97 3.72 11.09 2.29
C SER A 97 2.98 12.41 2.13
N LYS A 98 2.65 12.75 0.89
CA LYS A 98 2.04 14.04 0.59
C LYS A 98 0.58 14.07 1.00
N VAL A 99 0.10 12.95 1.52
CA VAL A 99 -1.29 12.84 1.95
C VAL A 99 -1.51 13.51 3.30
N LYS A 100 -0.43 13.65 4.07
CA LYS A 100 -0.52 14.13 5.44
C LYS A 100 -1.11 15.54 5.48
N PRO A 101 -1.79 15.86 6.59
CA PRO A 101 -2.42 17.15 6.76
C PRO A 101 -1.43 18.28 6.53
N GLU A 102 -1.92 19.41 6.02
CA GLU A 102 -1.06 20.54 5.70
C GLU A 102 -0.34 21.06 6.93
N ASN A 103 -0.96 20.85 8.09
CA ASN A 103 -0.42 21.35 9.35
C ASN A 103 0.41 20.27 10.05
N ARG A 104 0.67 19.18 9.35
CA ARG A 104 1.45 18.08 9.91
C ARG A 104 2.93 18.24 9.60
N GLU A 105 3.76 18.20 10.63
CA GLU A 105 5.20 18.39 10.46
C GLU A 105 5.81 17.25 9.65
N GLN A 106 5.10 16.14 9.58
CA GLN A 106 5.61 14.96 8.89
C GLN A 106 5.30 15.00 7.40
N LEU A 107 4.63 16.07 6.97
CA LEU A 107 4.27 16.23 5.58
C LEU A 107 5.46 16.65 4.73
N GLU A 108 5.77 15.87 3.70
CA GLU A 108 6.83 16.20 2.77
C GLU A 108 6.51 17.51 2.04
N HIS A 109 7.51 18.36 1.92
CA HIS A 109 7.37 19.64 1.22
C HIS A 109 7.18 19.43 -0.27
N MET A 1 -4.19 15.58 -13.17
CA MET A 1 -5.31 15.41 -12.26
C MET A 1 -5.95 14.04 -12.42
N GLY A 2 -6.47 13.50 -11.32
CA GLY A 2 -7.11 12.20 -11.34
C GLY A 2 -7.45 11.73 -9.93
N SER A 3 -8.10 10.56 -9.83
CA SER A 3 -8.48 10.02 -8.55
C SER A 3 -7.42 9.08 -8.00
N VAL A 4 -6.37 8.86 -8.78
CA VAL A 4 -5.29 7.95 -8.39
C VAL A 4 -3.94 8.66 -8.38
N GLU A 5 -3.20 8.48 -7.29
CA GLU A 5 -1.87 9.06 -7.17
C GLU A 5 -0.79 8.07 -7.57
N TYR A 6 -1.08 6.78 -7.39
CA TYR A 6 -0.12 5.74 -7.74
C TYR A 6 -0.84 4.44 -8.09
N SER A 7 -0.27 3.69 -9.03
CA SER A 7 -0.74 2.35 -9.33
C SER A 7 0.39 1.45 -9.81
N GLY A 8 0.24 0.15 -9.64
CA GLY A 8 1.20 -0.82 -10.15
C GLY A 8 1.05 -2.17 -9.46
N TYR A 9 1.99 -3.07 -9.72
CA TYR A 9 1.93 -4.42 -9.16
C TYR A 9 3.07 -4.65 -8.17
N LEU A 10 2.72 -5.12 -6.98
CA LEU A 10 3.69 -5.33 -5.92
C LEU A 10 3.73 -6.80 -5.50
N GLN A 11 4.83 -7.20 -4.87
CA GLN A 11 4.93 -8.54 -4.28
C GLN A 11 4.45 -8.54 -2.84
N LYS A 12 3.76 -9.60 -2.46
CA LYS A 12 3.30 -9.77 -1.07
C LYS A 12 3.29 -11.24 -0.67
N THR A 13 3.76 -11.51 0.54
CA THR A 13 3.80 -12.88 1.05
C THR A 13 2.44 -13.31 1.58
N GLY A 14 2.00 -14.50 1.17
CA GLY A 14 0.74 -15.06 1.65
C GLY A 14 0.81 -16.58 1.76
N GLY A 15 -0.34 -17.22 1.72
CA GLY A 15 -0.43 -18.66 1.96
C GLY A 15 -0.71 -18.96 3.43
N LYS A 16 -1.09 -20.19 3.70
CA LYS A 16 -1.51 -20.58 5.05
C LYS A 16 -0.45 -20.22 6.08
N PHE A 17 0.81 -20.43 5.72
CA PHE A 17 1.92 -20.21 6.64
C PHE A 17 2.77 -19.02 6.21
N TYR A 18 2.20 -18.16 5.37
CA TYR A 18 2.90 -16.97 4.90
C TYR A 18 4.27 -17.33 4.33
N LYS A 19 4.28 -18.23 3.35
CA LYS A 19 5.52 -18.68 2.75
C LYS A 19 5.59 -18.29 1.27
N LYS A 20 4.43 -18.11 0.66
CA LYS A 20 4.33 -18.01 -0.80
C LYS A 20 4.33 -16.55 -1.24
N ASN A 21 5.23 -16.20 -2.14
CA ASN A 21 5.32 -14.84 -2.66
C ASN A 21 4.56 -14.71 -3.98
N GLN A 22 3.58 -13.79 -4.00
CA GLN A 22 2.76 -13.59 -5.18
C GLN A 22 2.75 -12.11 -5.59
N THR A 23 2.52 -11.86 -6.87
CA THR A 23 2.39 -10.50 -7.38
C THR A 23 0.93 -10.08 -7.50
N ARG A 24 0.60 -8.94 -6.91
CA ARG A 24 -0.78 -8.47 -6.87
C ARG A 24 -0.88 -7.01 -7.25
N TYR A 25 -2.03 -6.62 -7.79
CA TYR A 25 -2.26 -5.22 -8.18
C TYR A 25 -2.59 -4.37 -6.97
N PHE A 26 -1.98 -3.18 -6.90
CA PHE A 26 -2.34 -2.20 -5.90
C PHE A 26 -2.63 -0.84 -6.53
N GLU A 27 -3.51 -0.08 -5.90
CA GLU A 27 -3.83 1.26 -6.37
C GLU A 27 -4.01 2.23 -5.21
N LEU A 28 -3.40 3.41 -5.32
CA LEU A 28 -3.40 4.38 -4.24
C LEU A 28 -4.38 5.52 -4.52
N ARG A 29 -5.34 5.70 -3.63
CA ARG A 29 -6.33 6.77 -3.77
C ARG A 29 -6.42 7.61 -2.50
N GLY A 30 -5.69 8.71 -2.48
CA GLY A 30 -5.51 9.49 -1.25
C GLY A 30 -4.79 8.67 -0.19
N PRO A 31 -5.38 8.60 1.00
CA PRO A 31 -4.80 7.84 2.11
C PRO A 31 -5.12 6.36 1.97
N MET A 32 -5.97 6.02 1.00
CA MET A 32 -6.50 4.67 0.89
C MET A 32 -5.66 3.84 -0.08
N LEU A 33 -5.30 2.63 0.35
CA LEU A 33 -4.71 1.64 -0.55
C LEU A 33 -5.75 0.62 -0.98
N CYS A 34 -5.83 0.39 -2.29
CA CYS A 34 -6.72 -0.63 -2.84
C CYS A 34 -5.99 -1.96 -2.99
N TYR A 35 -6.47 -2.97 -2.25
CA TYR A 35 -5.86 -4.29 -2.29
C TYR A 35 -6.62 -5.22 -3.23
N TRP A 36 -5.90 -5.79 -4.19
CA TRP A 36 -6.49 -6.76 -5.11
C TRP A 36 -5.91 -8.16 -4.90
N LYS A 37 -6.73 -9.06 -4.36
CA LYS A 37 -6.28 -10.41 -4.07
C LYS A 37 -5.72 -11.09 -5.31
N ARG A 38 -6.30 -10.78 -6.47
CA ARG A 38 -5.82 -11.33 -7.74
C ARG A 38 -5.77 -10.24 -8.81
N ARG A 39 -4.99 -10.50 -9.85
CA ARG A 39 -4.85 -9.55 -10.95
C ARG A 39 -6.18 -9.33 -11.66
N PRO A 40 -6.50 -8.08 -11.93
CA PRO A 40 -7.73 -7.72 -12.62
C PRO A 40 -7.66 -8.09 -14.10
N SER A 41 -8.81 -8.40 -14.69
CA SER A 41 -8.91 -8.59 -16.13
C SER A 41 -9.49 -7.36 -16.82
N GLY A 42 -9.96 -6.42 -16.01
CA GLY A 42 -10.56 -5.19 -16.53
C GLY A 42 -11.12 -4.33 -15.41
N PRO A 43 -11.60 -3.14 -15.77
CA PRO A 43 -12.13 -2.20 -14.79
C PRO A 43 -13.33 -2.79 -14.05
N HIS A 44 -13.95 -3.79 -14.65
CA HIS A 44 -15.17 -4.38 -14.11
C HIS A 44 -14.87 -5.19 -12.86
N VAL A 45 -13.59 -5.47 -12.62
CA VAL A 45 -13.18 -6.24 -11.46
C VAL A 45 -13.05 -5.36 -10.23
N SER A 46 -13.68 -5.78 -9.14
CA SER A 46 -13.64 -5.02 -7.89
C SER A 46 -12.39 -5.32 -7.09
N PRO A 47 -11.88 -4.32 -6.38
CA PRO A 47 -10.89 -4.54 -5.33
C PRO A 47 -11.38 -5.55 -4.31
N THR A 48 -10.44 -6.15 -3.59
CA THR A 48 -10.79 -7.08 -2.52
C THR A 48 -11.05 -6.36 -1.20
N GLY A 49 -10.22 -5.35 -0.93
CA GLY A 49 -10.37 -4.55 0.29
C GLY A 49 -9.49 -3.31 0.24
N THR A 50 -9.54 -2.52 1.30
CA THR A 50 -8.81 -1.26 1.36
C THR A 50 -8.06 -1.11 2.69
N ILE A 51 -7.02 -0.30 2.69
CA ILE A 51 -6.34 0.08 3.92
C ILE A 51 -6.26 1.59 4.06
N ASP A 52 -6.64 2.09 5.23
CA ASP A 52 -6.54 3.52 5.53
C ASP A 52 -5.28 3.82 6.33
N LEU A 53 -4.28 4.37 5.66
CA LEU A 53 -2.95 4.54 6.25
C LEU A 53 -2.73 5.96 6.72
N THR A 54 -3.82 6.65 7.02
CA THR A 54 -3.74 7.99 7.61
C THR A 54 -2.92 8.00 8.88
N ASN A 55 -1.92 8.87 8.93
CA ASN A 55 -1.08 9.03 10.11
C ASN A 55 -0.53 7.68 10.57
N ALA A 56 -0.24 6.80 9.61
CA ALA A 56 0.37 5.52 9.91
C ALA A 56 1.88 5.65 10.10
N ARG A 57 2.48 4.62 10.70
CA ARG A 57 3.93 4.55 10.81
C ARG A 57 4.55 3.98 9.54
N PHE A 58 5.49 4.72 8.96
CA PHE A 58 6.11 4.33 7.71
C PHE A 58 7.62 4.14 7.87
N VAL A 59 8.07 2.90 7.72
CA VAL A 59 9.48 2.58 7.90
C VAL A 59 10.00 1.73 6.74
N GLU A 60 11.29 1.86 6.45
CA GLU A 60 11.93 1.07 5.41
C GLU A 60 12.34 -0.29 5.93
N ASN A 61 12.55 -1.24 5.01
CA ASN A 61 13.31 -2.44 5.31
C ASN A 61 14.79 -2.25 5.01
N PRO A 62 15.61 -2.21 6.06
CA PRO A 62 17.01 -1.90 5.92
C PRO A 62 17.71 -2.83 4.94
N LYS A 63 17.15 -4.03 4.79
CA LYS A 63 17.80 -5.08 4.00
C LYS A 63 17.37 -4.99 2.54
N ASP A 64 16.33 -4.21 2.27
CA ASP A 64 15.75 -4.14 0.94
C ASP A 64 15.07 -2.79 0.70
N PRO A 65 15.78 -1.90 0.01
CA PRO A 65 15.27 -0.55 -0.23
C PRO A 65 13.93 -0.58 -0.95
N ARG A 66 13.64 -1.71 -1.60
CA ARG A 66 12.42 -1.86 -2.39
C ARG A 66 11.23 -2.23 -1.52
N SER A 67 11.52 -2.65 -0.30
CA SER A 67 10.49 -3.14 0.60
C SER A 67 10.16 -2.12 1.68
N TRP A 68 8.87 -1.96 1.97
CA TRP A 68 8.41 -0.92 2.88
C TRP A 68 7.32 -1.45 3.82
N THR A 69 7.48 -1.18 5.11
CA THR A 69 6.57 -1.71 6.12
C THR A 69 5.77 -0.59 6.79
N ILE A 70 4.48 -0.83 6.95
CA ILE A 70 3.58 0.18 7.50
C ILE A 70 2.78 -0.36 8.67
N GLU A 71 2.55 0.47 9.67
CA GLU A 71 1.72 0.11 10.82
C GLU A 71 0.68 1.18 11.10
N GLY A 72 -0.58 0.78 11.07
CA GLY A 72 -1.69 1.72 11.27
C GLY A 72 -3.03 1.09 10.92
N ASP A 73 -4.02 1.92 10.64
CA ASP A 73 -5.36 1.45 10.35
C ASP A 73 -5.83 0.44 11.39
N HIS A 74 -6.44 -0.65 10.92
CA HIS A 74 -6.80 -1.76 11.79
C HIS A 74 -5.95 -2.99 11.50
N LEU A 75 -4.72 -2.76 11.04
CA LEU A 75 -3.85 -3.84 10.60
C LEU A 75 -3.44 -4.72 11.77
N SER A 76 -3.35 -6.03 11.52
CA SER A 76 -2.73 -6.94 12.46
C SER A 76 -1.25 -7.14 12.16
N LYS A 77 -0.46 -7.31 13.21
CA LYS A 77 0.99 -7.40 13.07
C LYS A 77 1.54 -6.24 12.25
N THR A 78 2.14 -6.57 11.11
CA THR A 78 2.72 -5.56 10.24
C THR A 78 2.23 -5.70 8.80
N PHE A 79 2.24 -4.60 8.06
CA PHE A 79 1.91 -4.63 6.65
C PHE A 79 3.11 -4.26 5.78
N THR A 80 3.57 -5.21 4.97
CA THR A 80 4.78 -5.04 4.20
C THR A 80 4.49 -5.10 2.70
N LEU A 81 5.03 -4.15 1.95
CA LEU A 81 4.95 -4.16 0.50
C LEU A 81 6.34 -4.23 -0.12
N THR A 82 6.51 -5.14 -1.08
CA THR A 82 7.77 -5.28 -1.79
C THR A 82 7.62 -4.92 -3.27
N ALA A 83 8.35 -3.91 -3.70
CA ALA A 83 8.32 -3.48 -5.09
C ALA A 83 9.43 -4.13 -5.89
N ASP A 84 9.25 -4.19 -7.21
CA ASP A 84 10.29 -4.67 -8.11
C ASP A 84 11.35 -3.61 -8.33
N THR A 85 10.91 -2.35 -8.47
CA THR A 85 11.82 -1.23 -8.68
C THR A 85 11.69 -0.19 -7.57
N GLU A 86 12.82 0.31 -7.10
CA GLU A 86 12.84 1.24 -5.98
C GLU A 86 11.95 2.44 -6.25
N GLU A 87 11.92 2.88 -7.51
CA GLU A 87 11.11 4.03 -7.90
C GLU A 87 9.64 3.80 -7.61
N GLN A 88 9.20 2.55 -7.74
CA GLN A 88 7.81 2.18 -7.49
C GLN A 88 7.47 2.35 -6.02
N ARG A 89 8.38 1.92 -5.14
CA ARG A 89 8.21 2.07 -3.71
C ARG A 89 8.16 3.54 -3.31
N GLU A 90 9.16 4.29 -3.76
CA GLU A 90 9.28 5.70 -3.40
C GLU A 90 8.07 6.49 -3.85
N ALA A 91 7.59 6.19 -5.05
CA ALA A 91 6.42 6.87 -5.61
C ALA A 91 5.20 6.69 -4.71
N TRP A 92 4.98 5.45 -4.27
CA TRP A 92 3.85 5.15 -3.40
C TRP A 92 3.93 5.91 -2.09
N VAL A 93 5.10 5.84 -1.45
CA VAL A 93 5.27 6.43 -0.12
C VAL A 93 5.20 7.95 -0.18
N ARG A 94 5.89 8.53 -1.16
CA ARG A 94 5.99 9.98 -1.25
C ARG A 94 4.63 10.62 -1.47
N GLU A 95 3.81 9.99 -2.30
CA GLU A 95 2.50 10.52 -2.63
C GLU A 95 1.59 10.55 -1.40
N MET A 96 1.71 9.54 -0.56
CA MET A 96 0.91 9.46 0.66
C MET A 96 1.21 10.62 1.60
N SER A 97 2.46 11.08 1.59
CA SER A 97 2.89 12.15 2.46
C SER A 97 2.27 13.48 2.06
N LYS A 98 1.65 13.50 0.88
CA LYS A 98 0.98 14.70 0.38
C LYS A 98 -0.47 14.75 0.84
N VAL A 99 -0.93 13.67 1.47
CA VAL A 99 -2.33 13.53 1.83
C VAL A 99 -2.60 14.05 3.24
N LYS A 100 -3.70 14.78 3.39
CA LYS A 100 -4.03 15.41 4.66
C LYS A 100 -4.88 14.48 5.52
N PRO A 101 -4.81 14.65 6.84
CA PRO A 101 -5.67 13.94 7.75
C PRO A 101 -7.14 14.13 7.39
N GLU A 102 -7.44 15.23 6.71
CA GLU A 102 -8.81 15.57 6.36
C GLU A 102 -9.33 14.69 5.23
N ASN A 103 -8.44 13.87 4.67
CA ASN A 103 -8.80 12.98 3.57
C ASN A 103 -9.09 11.57 4.09
N ARG A 104 -9.04 11.41 5.41
CA ARG A 104 -9.13 10.09 6.01
C ARG A 104 -10.56 9.55 5.93
N GLU A 105 -10.69 8.23 6.07
CA GLU A 105 -12.00 7.61 6.24
C GLU A 105 -12.20 7.11 7.66
N GLN A 106 -11.13 6.60 8.26
CA GLN A 106 -11.16 6.15 9.64
C GLN A 106 -10.83 7.29 10.60
N LEU A 107 -11.83 7.71 11.37
CA LEU A 107 -11.72 8.96 12.13
C LEU A 107 -10.91 8.75 13.41
N GLU A 108 -10.47 7.52 13.63
CA GLU A 108 -9.69 7.19 14.82
C GLU A 108 -8.20 7.42 14.57
N HIS A 109 -7.86 7.76 13.34
CA HIS A 109 -6.45 7.93 12.96
C HIS A 109 -6.20 9.32 12.41
N MET A 1 -13.03 10.78 -1.70
CA MET A 1 -12.66 10.72 -3.11
C MET A 1 -12.01 9.38 -3.45
N GLY A 2 -12.70 8.59 -4.25
CA GLY A 2 -12.24 7.25 -4.59
C GLY A 2 -11.35 7.26 -5.83
N SER A 3 -11.09 8.45 -6.34
CA SER A 3 -10.29 8.61 -7.55
C SER A 3 -8.90 8.01 -7.37
N VAL A 4 -8.40 7.36 -8.41
CA VAL A 4 -7.08 6.73 -8.35
C VAL A 4 -5.97 7.74 -8.62
N GLU A 5 -5.01 7.80 -7.71
CA GLU A 5 -3.84 8.66 -7.87
C GLU A 5 -2.64 7.87 -8.39
N TYR A 6 -2.63 6.57 -8.11
CA TYR A 6 -1.56 5.70 -8.59
C TYR A 6 -2.03 4.25 -8.66
N SER A 7 -1.47 3.50 -9.60
CA SER A 7 -1.79 2.08 -9.73
C SER A 7 -0.55 1.27 -10.07
N GLY A 8 -0.58 -0.02 -9.73
CA GLY A 8 0.52 -0.92 -10.07
C GLY A 8 0.33 -2.28 -9.40
N TYR A 9 1.44 -2.99 -9.20
CA TYR A 9 1.41 -4.30 -8.57
C TYR A 9 2.34 -4.36 -7.37
N LEU A 10 1.93 -5.10 -6.34
CA LEU A 10 2.74 -5.25 -5.14
C LEU A 10 2.69 -6.67 -4.62
N GLN A 11 3.81 -7.15 -4.09
CA GLN A 11 3.90 -8.51 -3.57
C GLN A 11 3.60 -8.55 -2.08
N LYS A 12 2.98 -9.63 -1.64
CA LYS A 12 2.88 -9.94 -0.22
C LYS A 12 3.31 -11.37 0.07
N THR A 13 3.94 -11.58 1.22
CA THR A 13 4.40 -12.90 1.62
C THR A 13 3.27 -13.70 2.26
N GLY A 14 3.03 -14.90 1.76
CA GLY A 14 1.95 -15.75 2.25
C GLY A 14 2.23 -16.23 3.67
N GLY A 15 1.18 -16.32 4.48
CA GLY A 15 1.31 -16.75 5.86
C GLY A 15 1.32 -18.27 5.97
N LYS A 16 1.24 -18.94 4.83
CA LYS A 16 1.28 -20.39 4.79
C LYS A 16 2.71 -20.92 4.76
N PHE A 17 3.57 -20.20 4.06
CA PHE A 17 4.95 -20.65 3.82
C PHE A 17 5.96 -19.70 4.46
N TYR A 18 5.62 -18.41 4.45
CA TYR A 18 6.56 -17.38 4.86
C TYR A 18 7.81 -17.38 3.97
N LYS A 19 7.68 -17.98 2.79
CA LYS A 19 8.78 -18.03 1.85
C LYS A 19 8.34 -17.55 0.47
N LYS A 20 7.07 -17.74 0.15
CA LYS A 20 6.56 -17.47 -1.18
C LYS A 20 5.70 -16.21 -1.20
N ASN A 21 5.84 -15.41 -2.25
CA ASN A 21 5.09 -14.16 -2.38
C ASN A 21 3.95 -14.31 -3.38
N GLN A 22 2.92 -13.49 -3.22
CA GLN A 22 1.87 -13.38 -4.23
C GLN A 22 1.76 -11.94 -4.74
N THR A 23 1.78 -11.79 -6.05
CA THR A 23 1.66 -10.48 -6.68
C THR A 23 0.19 -10.09 -6.83
N ARG A 24 -0.15 -8.89 -6.35
CA ARG A 24 -1.53 -8.41 -6.41
C ARG A 24 -1.59 -7.01 -6.99
N TYR A 25 -2.65 -6.73 -7.75
CA TYR A 25 -2.91 -5.39 -8.24
C TYR A 25 -3.37 -4.47 -7.11
N PHE A 26 -2.87 -3.24 -7.11
CA PHE A 26 -3.22 -2.27 -6.09
C PHE A 26 -3.49 -0.90 -6.69
N GLU A 27 -4.19 -0.05 -5.94
CA GLU A 27 -4.35 1.34 -6.32
C GLU A 27 -4.25 2.25 -5.11
N LEU A 28 -3.73 3.46 -5.32
CA LEU A 28 -3.78 4.50 -4.31
C LEU A 28 -5.02 5.37 -4.47
N ARG A 29 -5.93 5.27 -3.50
CA ARG A 29 -7.22 5.95 -3.60
C ARG A 29 -7.58 6.62 -2.29
N GLY A 30 -7.99 7.88 -2.36
CA GLY A 30 -8.39 8.64 -1.18
C GLY A 30 -7.35 8.54 -0.08
N PRO A 31 -7.78 8.12 1.11
CA PRO A 31 -6.91 8.11 2.27
C PRO A 31 -6.18 6.77 2.39
N MET A 32 -6.41 5.90 1.43
CA MET A 32 -6.13 4.47 1.60
C MET A 32 -5.41 3.90 0.39
N LEU A 33 -4.69 2.80 0.60
CA LEU A 33 -4.19 1.98 -0.50
C LEU A 33 -4.97 0.68 -0.61
N CYS A 34 -5.54 0.44 -1.79
CA CYS A 34 -6.45 -0.69 -1.99
C CYS A 34 -5.75 -1.85 -2.67
N TYR A 35 -6.10 -3.06 -2.27
CA TYR A 35 -5.65 -4.27 -2.96
C TYR A 35 -6.83 -5.02 -3.58
N TRP A 36 -6.58 -5.69 -4.70
CA TRP A 36 -7.48 -6.73 -5.18
C TRP A 36 -6.72 -8.04 -5.39
N LYS A 37 -7.41 -9.15 -5.15
CA LYS A 37 -6.95 -10.46 -5.61
C LYS A 37 -6.88 -10.50 -7.13
N ARG A 38 -7.83 -9.84 -7.79
CA ARG A 38 -7.84 -9.77 -9.24
C ARG A 38 -8.16 -8.35 -9.72
N ARG A 39 -7.49 -7.93 -10.79
CA ARG A 39 -7.66 -6.58 -11.31
C ARG A 39 -9.14 -6.24 -11.50
N PRO A 40 -9.54 -5.09 -10.96
CA PRO A 40 -10.94 -4.67 -11.02
C PRO A 40 -11.32 -4.20 -12.41
N SER A 41 -12.60 -4.31 -12.75
CA SER A 41 -13.11 -3.78 -14.00
C SER A 41 -13.43 -2.29 -13.88
N GLY A 42 -13.37 -1.78 -12.65
CA GLY A 42 -13.68 -0.37 -12.39
C GLY A 42 -13.56 -0.05 -10.91
N PRO A 43 -13.74 1.22 -10.58
CA PRO A 43 -13.59 1.68 -9.19
C PRO A 43 -14.76 1.20 -8.33
N HIS A 44 -15.80 0.69 -8.98
CA HIS A 44 -16.97 0.20 -8.27
C HIS A 44 -16.74 -1.18 -7.69
N VAL A 45 -15.62 -1.79 -8.07
CA VAL A 45 -15.31 -3.15 -7.64
C VAL A 45 -14.66 -3.17 -6.25
N SER A 46 -15.29 -3.86 -5.32
CA SER A 46 -14.83 -3.87 -3.93
C SER A 46 -13.41 -4.43 -3.83
N PRO A 47 -12.60 -3.80 -2.99
CA PRO A 47 -11.23 -4.26 -2.78
C PRO A 47 -11.20 -5.51 -1.92
N THR A 48 -10.09 -6.24 -1.98
CA THR A 48 -9.85 -7.35 -1.07
C THR A 48 -9.40 -6.86 0.31
N GLY A 49 -8.69 -5.73 0.32
CA GLY A 49 -8.24 -5.12 1.56
C GLY A 49 -7.60 -3.77 1.31
N THR A 50 -7.53 -2.95 2.36
CA THR A 50 -7.03 -1.58 2.24
C THR A 50 -6.01 -1.27 3.33
N ILE A 51 -5.13 -0.31 3.05
CA ILE A 51 -4.31 0.29 4.08
C ILE A 51 -4.79 1.71 4.41
N ASP A 52 -5.27 1.89 5.63
CA ASP A 52 -5.66 3.21 6.10
C ASP A 52 -4.46 3.98 6.65
N LEU A 53 -4.03 4.99 5.92
CA LEU A 53 -2.72 5.61 6.15
C LEU A 53 -2.82 6.77 7.13
N THR A 54 -3.97 6.89 7.78
CA THR A 54 -4.16 7.90 8.81
C THR A 54 -3.18 7.72 9.95
N ASN A 55 -2.40 8.76 10.23
CA ASN A 55 -1.38 8.69 11.28
C ASN A 55 -0.47 7.49 11.09
N ALA A 56 -0.15 7.18 9.83
CA ALA A 56 0.76 6.08 9.51
C ALA A 56 2.19 6.58 9.40
N ARG A 57 3.14 5.67 9.58
CA ARG A 57 4.56 5.97 9.34
C ARG A 57 5.15 5.04 8.29
N PHE A 58 6.18 5.50 7.61
CA PHE A 58 6.85 4.70 6.60
C PHE A 58 8.32 4.49 6.94
N VAL A 59 8.68 3.25 7.25
CA VAL A 59 10.04 2.93 7.68
C VAL A 59 10.57 1.69 6.96
N GLU A 60 11.88 1.61 6.80
CA GLU A 60 12.52 0.44 6.23
C GLU A 60 12.37 -0.77 7.12
N ASN A 61 12.17 -1.94 6.52
CA ASN A 61 12.09 -3.19 7.26
C ASN A 61 13.43 -3.53 7.90
N PRO A 62 13.44 -3.60 9.23
CA PRO A 62 14.68 -3.86 9.97
C PRO A 62 15.38 -5.11 9.44
N LYS A 63 14.60 -6.05 8.94
CA LYS A 63 15.14 -7.34 8.50
C LYS A 63 15.38 -7.35 7.00
N ASP A 64 14.92 -6.30 6.32
CA ASP A 64 14.94 -6.26 4.86
C ASP A 64 14.93 -4.83 4.34
N PRO A 65 16.10 -4.20 4.35
CA PRO A 65 16.22 -2.80 3.93
C PRO A 65 15.70 -2.61 2.51
N ARG A 66 15.56 -3.71 1.78
CA ARG A 66 15.15 -3.66 0.38
C ARG A 66 13.67 -3.34 0.26
N SER A 67 12.95 -3.48 1.35
CA SER A 67 11.50 -3.29 1.35
C SER A 67 11.05 -2.35 2.46
N TRP A 68 9.90 -1.73 2.28
CA TRP A 68 9.40 -0.74 3.23
C TRP A 68 8.19 -1.27 3.99
N THR A 69 8.07 -0.87 5.25
CA THR A 69 6.94 -1.26 6.07
C THR A 69 6.08 -0.06 6.44
N ILE A 70 4.77 -0.29 6.54
CA ILE A 70 3.84 0.78 6.89
C ILE A 70 3.05 0.44 8.15
N GLU A 71 3.11 1.32 9.13
CA GLU A 71 2.50 1.06 10.43
C GLU A 71 1.74 2.29 10.94
N GLY A 72 0.77 2.05 11.81
CA GLY A 72 0.02 3.14 12.44
C GLY A 72 -1.08 2.60 13.34
N ASP A 73 -1.65 3.48 14.16
CA ASP A 73 -2.66 3.08 15.13
C ASP A 73 -3.95 2.66 14.44
N HIS A 74 -4.09 3.04 13.18
CA HIS A 74 -5.32 2.80 12.44
C HIS A 74 -5.21 1.55 11.57
N LEU A 75 -4.11 0.82 11.74
CA LEU A 75 -3.89 -0.41 10.98
C LEU A 75 -3.92 -1.62 11.90
N SER A 76 -4.53 -2.70 11.42
CA SER A 76 -4.64 -3.94 12.20
C SER A 76 -3.36 -4.75 12.14
N LYS A 77 -2.48 -4.38 11.22
CA LYS A 77 -1.22 -5.10 11.03
C LYS A 77 -0.20 -4.25 10.27
N THR A 78 1.04 -4.70 10.27
CA THR A 78 2.08 -4.06 9.46
C THR A 78 1.97 -4.47 8.00
N PHE A 79 2.03 -3.50 7.11
CA PHE A 79 2.00 -3.76 5.67
C PHE A 79 3.37 -3.53 5.04
N THR A 80 3.61 -4.18 3.91
CA THR A 80 4.90 -4.09 3.23
C THR A 80 4.72 -3.64 1.79
N LEU A 81 5.59 -2.73 1.35
CA LEU A 81 5.69 -2.40 -0.07
C LEU A 81 6.95 -2.99 -0.69
N THR A 82 6.78 -3.67 -1.82
CA THR A 82 7.91 -4.13 -2.62
C THR A 82 8.07 -3.31 -3.89
N ALA A 83 9.25 -3.39 -4.49
CA ALA A 83 9.50 -2.74 -5.77
C ALA A 83 10.88 -3.09 -6.31
N ASP A 84 11.04 -2.98 -7.63
CA ASP A 84 12.19 -3.56 -8.30
C ASP A 84 13.44 -2.71 -8.12
N THR A 85 13.26 -1.40 -8.18
CA THR A 85 14.39 -0.47 -8.17
C THR A 85 14.30 0.48 -6.97
N GLU A 86 15.44 1.06 -6.62
CA GLU A 86 15.50 2.00 -5.50
C GLU A 86 14.59 3.21 -5.74
N GLU A 87 14.55 3.66 -6.99
CA GLU A 87 13.69 4.78 -7.36
C GLU A 87 12.22 4.42 -7.22
N GLN A 88 11.87 3.21 -7.65
CA GLN A 88 10.49 2.75 -7.57
C GLN A 88 10.06 2.52 -6.12
N ARG A 89 10.96 1.95 -5.32
CA ARG A 89 10.71 1.74 -3.91
C ARG A 89 10.36 3.05 -3.21
N GLU A 90 11.21 4.05 -3.39
CA GLU A 90 11.02 5.35 -2.76
C GLU A 90 9.77 6.04 -3.30
N ALA A 91 9.56 5.92 -4.60
CA ALA A 91 8.47 6.61 -5.27
C ALA A 91 7.13 6.26 -4.64
N TRP A 92 6.85 4.97 -4.54
CA TRP A 92 5.55 4.49 -4.09
C TRP A 92 5.33 4.81 -2.61
N VAL A 93 6.41 4.84 -1.84
CA VAL A 93 6.36 5.27 -0.46
C VAL A 93 5.99 6.74 -0.35
N ARG A 94 6.61 7.57 -1.18
CA ARG A 94 6.35 9.01 -1.17
C ARG A 94 4.92 9.30 -1.57
N GLU A 95 4.42 8.59 -2.57
CA GLU A 95 3.07 8.78 -3.06
C GLU A 95 2.04 8.44 -2.00
N MET A 96 2.32 7.39 -1.23
CA MET A 96 1.49 7.05 -0.07
C MET A 96 1.63 8.08 1.03
N SER A 97 2.85 8.59 1.21
CA SER A 97 3.12 9.58 2.25
C SER A 97 2.33 10.86 2.01
N LYS A 98 2.12 11.18 0.74
CA LYS A 98 1.45 12.43 0.37
C LYS A 98 -0.06 12.25 0.35
N VAL A 99 -0.52 11.06 0.76
CA VAL A 99 -1.93 10.73 0.72
C VAL A 99 -2.77 11.75 1.51
N LYS A 100 -3.92 12.11 0.96
CA LYS A 100 -4.81 13.06 1.60
C LYS A 100 -5.53 12.42 2.79
N PRO A 101 -5.45 13.07 3.94
CA PRO A 101 -6.12 12.58 5.15
C PRO A 101 -7.61 12.87 5.11
N GLU A 102 -8.33 12.14 4.26
CA GLU A 102 -9.73 12.43 4.01
C GLU A 102 -10.60 12.03 5.20
N ASN A 103 -10.07 11.16 6.05
CA ASN A 103 -10.79 10.70 7.22
C ASN A 103 -11.17 11.86 8.13
N ARG A 104 -12.23 11.68 8.90
CA ARG A 104 -12.67 12.69 9.86
C ARG A 104 -11.90 12.58 11.17
N GLU A 105 -11.04 11.58 11.25
CA GLU A 105 -10.22 11.37 12.45
C GLU A 105 -9.16 12.45 12.58
N GLN A 106 -8.81 12.78 13.82
CA GLN A 106 -7.76 13.77 14.09
C GLN A 106 -6.39 13.21 13.77
N LEU A 107 -5.45 14.09 13.45
CA LEU A 107 -4.07 13.71 13.22
C LEU A 107 -3.20 13.99 14.45
N GLU A 108 -2.18 13.17 14.65
CA GLU A 108 -1.27 13.34 15.78
C GLU A 108 0.00 14.06 15.34
N HIS A 109 -0.02 14.63 14.14
CA HIS A 109 1.14 15.30 13.59
C HIS A 109 1.22 16.75 14.08
N MET A 1 -13.51 7.58 -0.77
CA MET A 1 -13.44 7.36 -2.21
C MET A 1 -12.70 8.49 -2.91
N GLY A 2 -12.31 8.26 -4.16
CA GLY A 2 -11.61 9.26 -4.94
C GLY A 2 -11.03 8.67 -6.21
N SER A 3 -10.44 9.51 -7.04
CA SER A 3 -9.82 9.07 -8.29
C SER A 3 -8.47 8.42 -8.04
N VAL A 4 -7.94 7.74 -9.05
CA VAL A 4 -6.65 7.06 -8.94
C VAL A 4 -5.50 8.01 -9.28
N GLU A 5 -4.51 8.06 -8.39
CA GLU A 5 -3.30 8.83 -8.65
C GLU A 5 -2.17 7.93 -9.13
N TYR A 6 -2.02 6.79 -8.47
CA TYR A 6 -1.02 5.80 -8.88
C TYR A 6 -1.57 4.38 -8.77
N SER A 7 -0.96 3.45 -9.48
CA SER A 7 -1.27 2.03 -9.33
C SER A 7 -0.16 1.16 -9.90
N GLY A 8 -0.21 -0.13 -9.59
CA GLY A 8 0.75 -1.09 -10.12
C GLY A 8 0.68 -2.42 -9.38
N TYR A 9 1.57 -3.33 -9.73
CA TYR A 9 1.59 -4.65 -9.12
C TYR A 9 2.63 -4.74 -8.01
N LEU A 10 2.21 -5.18 -6.84
CA LEU A 10 3.09 -5.29 -5.69
C LEU A 10 3.54 -6.73 -5.47
N GLN A 11 4.69 -6.90 -4.83
CA GLN A 11 5.14 -8.21 -4.39
C GLN A 11 4.79 -8.45 -2.93
N LYS A 12 4.46 -9.70 -2.60
CA LYS A 12 4.21 -10.08 -1.22
C LYS A 12 4.43 -11.58 -1.02
N THR A 13 5.25 -11.93 -0.04
CA THR A 13 5.45 -13.32 0.35
C THR A 13 4.18 -13.91 0.94
N GLY A 14 3.80 -15.09 0.46
CA GLY A 14 2.60 -15.77 0.95
C GLY A 14 2.68 -17.27 0.72
N GLY A 15 1.53 -17.93 0.71
CA GLY A 15 1.49 -19.39 0.66
C GLY A 15 1.43 -19.98 2.07
N LYS A 16 1.13 -21.27 2.14
CA LYS A 16 0.91 -21.93 3.43
C LYS A 16 2.07 -21.69 4.39
N PHE A 17 3.29 -21.72 3.84
CA PHE A 17 4.49 -21.62 4.66
C PHE A 17 5.22 -20.31 4.39
N TYR A 18 4.52 -19.36 3.79
CA TYR A 18 5.09 -18.05 3.49
C TYR A 18 6.41 -18.18 2.75
N LYS A 19 6.39 -18.92 1.65
CA LYS A 19 7.59 -19.15 0.86
C LYS A 19 7.49 -18.49 -0.52
N LYS A 20 6.25 -18.33 -1.00
CA LYS A 20 6.02 -17.97 -2.38
C LYS A 20 5.88 -16.46 -2.54
N ASN A 21 6.61 -15.91 -3.51
CA ASN A 21 6.50 -14.49 -3.84
C ASN A 21 5.31 -14.22 -4.74
N GLN A 22 4.21 -13.72 -4.17
CA GLN A 22 2.98 -13.54 -4.90
C GLN A 22 2.89 -12.14 -5.50
N THR A 23 2.17 -12.01 -6.60
CA THR A 23 1.98 -10.71 -7.24
C THR A 23 0.50 -10.32 -7.23
N ARG A 24 0.23 -9.12 -6.73
CA ARG A 24 -1.15 -8.62 -6.64
C ARG A 24 -1.23 -7.16 -7.06
N TYR A 25 -2.40 -6.76 -7.55
CA TYR A 25 -2.61 -5.40 -8.03
C TYR A 25 -3.01 -4.47 -6.91
N PHE A 26 -2.31 -3.34 -6.78
CA PHE A 26 -2.68 -2.30 -5.83
C PHE A 26 -3.01 -1.00 -6.55
N GLU A 27 -3.91 -0.21 -5.96
CA GLU A 27 -4.38 1.01 -6.59
C GLU A 27 -4.49 2.15 -5.58
N LEU A 28 -3.73 3.22 -5.82
CA LEU A 28 -3.59 4.29 -4.84
C LEU A 28 -4.53 5.46 -5.17
N ARG A 29 -5.60 5.58 -4.40
CA ARG A 29 -6.61 6.60 -4.65
C ARG A 29 -6.49 7.74 -3.64
N GLY A 30 -5.46 8.55 -3.79
CA GLY A 30 -5.25 9.69 -2.90
C GLY A 30 -4.97 9.22 -1.47
N PRO A 31 -5.88 9.58 -0.57
CA PRO A 31 -5.70 9.26 0.85
C PRO A 31 -6.03 7.80 1.14
N MET A 32 -6.53 7.11 0.12
CA MET A 32 -6.94 5.72 0.27
C MET A 32 -6.22 4.81 -0.73
N LEU A 33 -5.68 3.70 -0.24
CA LEU A 33 -5.14 2.66 -1.11
C LEU A 33 -6.05 1.45 -1.15
N CYS A 34 -6.36 0.98 -2.36
CA CYS A 34 -7.14 -0.24 -2.54
C CYS A 34 -6.24 -1.42 -2.90
N TYR A 35 -6.64 -2.60 -2.48
CA TYR A 35 -5.97 -3.83 -2.90
C TYR A 35 -6.96 -4.99 -3.02
N TRP A 36 -6.53 -6.06 -3.69
CA TRP A 36 -7.34 -7.25 -3.81
C TRP A 36 -6.61 -8.47 -3.25
N LYS A 37 -7.37 -9.39 -2.65
CA LYS A 37 -6.84 -10.70 -2.28
C LYS A 37 -6.38 -11.47 -3.50
N ARG A 38 -7.03 -11.22 -4.64
CA ARG A 38 -6.65 -11.88 -5.89
C ARG A 38 -6.67 -10.89 -7.04
N ARG A 39 -5.94 -11.21 -8.10
CA ARG A 39 -5.82 -10.34 -9.26
C ARG A 39 -7.19 -10.03 -9.86
N PRO A 40 -7.48 -8.75 -10.03
CA PRO A 40 -8.77 -8.32 -10.59
C PRO A 40 -8.81 -8.56 -12.10
N SER A 41 -10.02 -8.69 -12.63
CA SER A 41 -10.21 -8.86 -14.06
C SER A 41 -10.18 -7.52 -14.78
N GLY A 42 -10.21 -6.44 -14.01
CA GLY A 42 -10.24 -5.09 -14.57
C GLY A 42 -10.35 -4.04 -13.47
N PRO A 43 -10.38 -2.77 -13.88
CA PRO A 43 -10.44 -1.67 -12.92
C PRO A 43 -11.86 -1.39 -12.48
N HIS A 44 -12.80 -2.23 -12.92
CA HIS A 44 -14.21 -1.97 -12.73
C HIS A 44 -14.81 -2.87 -11.66
N VAL A 45 -13.98 -3.26 -10.70
CA VAL A 45 -14.41 -4.16 -9.63
C VAL A 45 -14.11 -3.55 -8.26
N SER A 46 -14.84 -3.99 -7.25
CA SER A 46 -14.61 -3.54 -5.87
C SER A 46 -13.37 -4.21 -5.29
N PRO A 47 -12.72 -3.52 -4.36
CA PRO A 47 -11.58 -4.08 -3.65
C PRO A 47 -12.02 -5.10 -2.61
N THR A 48 -11.06 -5.82 -2.05
CA THR A 48 -11.32 -6.71 -0.93
C THR A 48 -10.84 -6.10 0.38
N GLY A 49 -10.38 -4.86 0.32
CA GLY A 49 -9.83 -4.18 1.48
C GLY A 49 -9.03 -2.95 1.08
N THR A 50 -8.90 -2.01 2.00
CA THR A 50 -8.18 -0.77 1.74
C THR A 50 -7.21 -0.44 2.86
N ILE A 51 -6.27 0.45 2.58
CA ILE A 51 -5.40 1.01 3.62
C ILE A 51 -5.61 2.51 3.75
N ASP A 52 -5.86 2.97 4.98
CA ASP A 52 -6.01 4.39 5.25
C ASP A 52 -4.65 5.07 5.39
N LEU A 53 -4.33 5.93 4.43
CA LEU A 53 -2.97 6.45 4.30
C LEU A 53 -2.79 7.73 5.10
N THR A 54 -3.89 8.21 5.68
CA THR A 54 -3.87 9.49 6.38
C THR A 54 -3.09 9.41 7.69
N ASN A 55 -2.03 10.20 7.78
CA ASN A 55 -1.16 10.18 8.95
C ASN A 55 -0.53 8.80 9.13
N ALA A 56 -0.31 8.10 8.02
CA ALA A 56 0.36 6.80 8.05
C ALA A 56 1.87 6.95 8.02
N ARG A 57 2.56 6.16 8.83
CA ARG A 57 4.01 6.06 8.76
C ARG A 57 4.44 4.87 7.91
N PHE A 58 5.56 5.02 7.21
CA PHE A 58 6.04 3.97 6.33
C PHE A 58 7.50 3.62 6.63
N VAL A 59 7.71 2.43 7.18
CA VAL A 59 9.02 2.06 7.70
C VAL A 59 9.79 1.20 6.70
N GLU A 60 10.92 1.71 6.24
CA GLU A 60 11.73 1.01 5.24
C GLU A 60 12.55 -0.10 5.86
N ASN A 61 12.63 -1.23 5.17
CA ASN A 61 13.46 -2.35 5.62
C ASN A 61 14.92 -2.11 5.28
N PRO A 62 15.76 -2.08 6.32
CA PRO A 62 17.16 -1.73 6.15
C PRO A 62 17.93 -2.84 5.44
N LYS A 63 17.31 -4.01 5.35
CA LYS A 63 17.90 -5.14 4.63
C LYS A 63 17.30 -5.29 3.24
N ASP A 64 16.30 -4.46 2.94
CA ASP A 64 15.56 -4.57 1.69
C ASP A 64 14.95 -3.24 1.29
N PRO A 65 15.67 -2.48 0.48
CA PRO A 65 15.26 -1.12 0.14
C PRO A 65 14.20 -1.12 -0.96
N ARG A 66 13.48 -2.22 -1.08
CA ARG A 66 12.31 -2.29 -1.93
C ARG A 66 11.05 -2.59 -1.12
N SER A 67 11.23 -2.87 0.17
CA SER A 67 10.13 -3.28 1.02
C SER A 67 9.95 -2.30 2.18
N TRP A 68 8.69 -2.10 2.56
CA TRP A 68 8.37 -1.27 3.73
C TRP A 68 7.10 -1.73 4.41
N THR A 69 6.93 -1.36 5.68
CA THR A 69 5.79 -1.81 6.46
C THR A 69 5.01 -0.63 7.02
N ILE A 70 3.68 -0.75 7.02
CA ILE A 70 2.84 0.22 7.70
C ILE A 70 2.18 -0.38 8.94
N GLU A 71 2.42 0.24 10.09
CA GLU A 71 2.04 -0.34 11.37
C GLU A 71 1.54 0.72 12.34
N GLY A 72 0.74 0.30 13.31
CA GLY A 72 0.21 1.22 14.32
C GLY A 72 -0.65 2.30 13.67
N ASP A 73 -0.35 3.55 13.99
CA ASP A 73 -1.08 4.69 13.43
C ASP A 73 -2.58 4.53 13.64
N HIS A 74 -3.32 4.46 12.53
CA HIS A 74 -4.78 4.39 12.58
C HIS A 74 -5.28 3.11 11.92
N LEU A 75 -4.40 2.12 11.78
CA LEU A 75 -4.73 0.89 11.10
C LEU A 75 -4.82 -0.28 12.07
N SER A 76 -5.57 -1.31 11.70
CA SER A 76 -5.53 -2.58 12.41
C SER A 76 -4.44 -3.48 11.84
N LYS A 77 -4.05 -4.49 12.62
CA LYS A 77 -3.07 -5.47 12.17
C LYS A 77 -1.83 -4.79 11.62
N THR A 78 -1.30 -5.32 10.52
CA THR A 78 -0.10 -4.79 9.90
C THR A 78 -0.11 -5.01 8.40
N PHE A 79 0.33 -3.99 7.65
CA PHE A 79 0.40 -4.08 6.20
C PHE A 79 1.83 -3.92 5.70
N THR A 80 2.28 -4.87 4.89
CA THR A 80 3.62 -4.82 4.32
C THR A 80 3.57 -4.82 2.80
N LEU A 81 4.37 -3.94 2.19
CA LEU A 81 4.39 -3.80 0.74
C LEU A 81 5.80 -3.96 0.19
N THR A 82 5.92 -4.59 -0.96
CA THR A 82 7.20 -4.68 -1.67
C THR A 82 7.05 -4.21 -3.12
N ALA A 83 7.93 -3.32 -3.53
CA ALA A 83 7.91 -2.80 -4.90
C ALA A 83 8.91 -3.52 -5.79
N ASP A 84 8.76 -3.37 -7.09
CA ASP A 84 9.63 -4.03 -8.05
C ASP A 84 11.03 -3.41 -8.05
N THR A 85 11.08 -2.10 -7.89
CA THR A 85 12.35 -1.38 -7.90
C THR A 85 12.46 -0.43 -6.72
N GLU A 86 13.70 -0.06 -6.39
CA GLU A 86 13.94 0.90 -5.32
C GLU A 86 13.29 2.25 -5.61
N GLU A 87 13.31 2.65 -6.88
CA GLU A 87 12.72 3.91 -7.30
C GLU A 87 11.21 3.88 -7.17
N GLN A 88 10.60 2.76 -7.57
CA GLN A 88 9.17 2.56 -7.42
C GLN A 88 8.74 2.61 -5.96
N ARG A 89 9.55 1.99 -5.11
CA ARG A 89 9.31 2.04 -3.67
C ARG A 89 9.26 3.47 -3.16
N GLU A 90 10.32 4.23 -3.42
CA GLU A 90 10.41 5.61 -2.97
C GLU A 90 9.24 6.44 -3.48
N ALA A 91 8.87 6.21 -4.74
CA ALA A 91 7.76 6.94 -5.35
C ALA A 91 6.47 6.70 -4.58
N TRP A 92 6.13 5.43 -4.38
CA TRP A 92 4.87 5.08 -3.73
C TRP A 92 4.87 5.50 -2.26
N VAL A 93 5.97 5.23 -1.56
CA VAL A 93 6.09 5.57 -0.16
C VAL A 93 6.00 7.08 0.06
N ARG A 94 6.77 7.82 -0.73
CA ARG A 94 6.80 9.28 -0.60
C ARG A 94 5.41 9.88 -0.82
N GLU A 95 4.77 9.51 -1.92
CA GLU A 95 3.51 10.11 -2.31
C GLU A 95 2.42 9.82 -1.30
N MET A 96 2.45 8.62 -0.72
CA MET A 96 1.48 8.22 0.28
C MET A 96 1.71 8.97 1.60
N SER A 97 2.97 9.28 1.87
CA SER A 97 3.35 9.89 3.14
C SER A 97 2.97 11.37 3.16
N LYS A 98 2.59 11.90 2.00
CA LYS A 98 2.21 13.30 1.89
C LYS A 98 0.72 13.49 2.14
N VAL A 99 0.04 12.41 2.49
CA VAL A 99 -1.38 12.46 2.80
C VAL A 99 -1.62 12.99 4.20
N LYS A 100 -2.34 14.10 4.29
CA LYS A 100 -2.56 14.78 5.57
C LYS A 100 -3.53 14.00 6.45
N PRO A 101 -3.38 14.14 7.76
CA PRO A 101 -4.30 13.52 8.71
C PRO A 101 -5.75 13.91 8.41
N GLU A 102 -6.63 12.92 8.47
CA GLU A 102 -8.07 13.18 8.35
C GLU A 102 -8.83 12.63 9.54
N ASN A 103 -8.11 12.30 10.60
CA ASN A 103 -8.71 11.70 11.79
C ASN A 103 -9.18 12.77 12.77
N ARG A 104 -9.99 12.36 13.74
CA ARG A 104 -10.36 13.23 14.85
C ARG A 104 -9.15 13.58 15.71
N GLU A 105 -8.25 12.62 15.85
CA GLU A 105 -7.02 12.83 16.63
C GLU A 105 -6.17 13.93 16.01
N GLN A 106 -5.75 14.87 16.85
CA GLN A 106 -4.95 16.00 16.38
C GLN A 106 -3.48 15.81 16.71
N LEU A 107 -2.61 16.51 15.98
CA LEU A 107 -1.17 16.42 16.21
C LEU A 107 -0.64 17.70 16.85
N GLU A 108 0.41 17.57 17.64
CA GLU A 108 1.07 18.72 18.23
C GLU A 108 1.59 19.67 17.16
N HIS A 109 1.33 20.96 17.34
CA HIS A 109 1.77 21.97 16.39
C HIS A 109 3.27 22.22 16.53
N MET A 1 -11.40 3.71 -13.27
CA MET A 1 -10.55 3.93 -12.11
C MET A 1 -10.47 5.40 -11.76
N GLY A 2 -11.60 6.08 -11.82
CA GLY A 2 -11.64 7.53 -11.63
C GLY A 2 -11.45 7.90 -10.16
N SER A 3 -11.55 6.90 -9.29
CA SER A 3 -11.36 7.11 -7.86
C SER A 3 -9.92 6.87 -7.44
N VAL A 4 -9.09 6.46 -8.40
CA VAL A 4 -7.73 6.03 -8.10
C VAL A 4 -6.72 7.12 -8.45
N GLU A 5 -5.83 7.42 -7.51
CA GLU A 5 -4.81 8.44 -7.73
C GLU A 5 -3.52 7.84 -8.24
N TYR A 6 -3.25 6.59 -7.85
CA TYR A 6 -2.02 5.91 -8.25
C TYR A 6 -2.24 4.40 -8.32
N SER A 7 -1.60 3.76 -9.29
CA SER A 7 -1.70 2.32 -9.46
C SER A 7 -0.39 1.73 -9.97
N GLY A 8 -0.21 0.43 -9.73
CA GLY A 8 0.95 -0.28 -10.27
C GLY A 8 1.00 -1.71 -9.73
N TYR A 9 2.14 -2.36 -9.93
CA TYR A 9 2.32 -3.75 -9.49
C TYR A 9 3.30 -3.83 -8.33
N LEU A 10 3.07 -4.78 -7.43
CA LEU A 10 4.10 -5.19 -6.48
C LEU A 10 4.20 -6.71 -6.40
N GLN A 11 5.36 -7.20 -5.99
CA GLN A 11 5.68 -8.62 -6.09
C GLN A 11 6.08 -9.20 -4.74
N LYS A 12 5.80 -10.49 -4.55
CA LYS A 12 6.27 -11.20 -3.37
C LYS A 12 6.96 -12.50 -3.75
N THR A 13 7.84 -12.98 -2.87
CA THR A 13 8.48 -14.27 -3.07
C THR A 13 8.31 -15.15 -1.84
N GLY A 14 7.89 -16.40 -2.07
CA GLY A 14 7.71 -17.35 -0.98
C GLY A 14 8.33 -18.70 -1.33
N GLY A 15 7.93 -19.74 -0.61
CA GLY A 15 8.53 -21.06 -0.75
C GLY A 15 9.65 -21.27 0.27
N LYS A 16 9.97 -22.53 0.53
CA LYS A 16 10.96 -22.87 1.55
C LYS A 16 12.26 -22.11 1.33
N PHE A 17 12.65 -21.96 0.07
CA PHE A 17 13.91 -21.32 -0.27
C PHE A 17 13.68 -20.04 -1.06
N TYR A 18 12.52 -19.43 -0.86
CA TYR A 18 12.19 -18.17 -1.53
C TYR A 18 12.35 -18.30 -3.04
N LYS A 19 11.59 -19.20 -3.64
CA LYS A 19 11.71 -19.49 -5.06
C LYS A 19 10.45 -19.11 -5.82
N LYS A 20 9.32 -19.12 -5.12
CA LYS A 20 8.02 -18.97 -5.76
C LYS A 20 7.57 -17.52 -5.78
N ASN A 21 7.47 -16.95 -6.99
CA ASN A 21 7.11 -15.56 -7.14
C ASN A 21 5.62 -15.39 -7.37
N GLN A 22 5.08 -14.26 -6.93
CA GLN A 22 3.69 -13.91 -7.21
C GLN A 22 3.52 -12.40 -7.37
N THR A 23 2.75 -12.00 -8.37
CA THR A 23 2.47 -10.59 -8.62
C THR A 23 1.03 -10.24 -8.28
N ARG A 24 0.84 -9.14 -7.57
CA ARG A 24 -0.49 -8.70 -7.17
C ARG A 24 -0.72 -7.24 -7.53
N TYR A 25 -1.98 -6.85 -7.67
CA TYR A 25 -2.33 -5.47 -8.01
C TYR A 25 -2.39 -4.60 -6.76
N PHE A 26 -1.86 -3.39 -6.87
CA PHE A 26 -2.02 -2.38 -5.82
C PHE A 26 -2.41 -1.04 -6.40
N GLU A 27 -3.06 -0.20 -5.60
CA GLU A 27 -3.38 1.16 -5.99
C GLU A 27 -3.68 2.03 -4.78
N LEU A 28 -3.61 3.34 -4.97
CA LEU A 28 -3.89 4.28 -3.89
C LEU A 28 -5.14 5.10 -4.19
N ARG A 29 -5.96 5.31 -3.16
CA ARG A 29 -7.18 6.09 -3.29
C ARG A 29 -7.26 7.16 -2.22
N GLY A 30 -6.55 8.27 -2.43
CA GLY A 30 -6.29 9.24 -1.37
C GLY A 30 -5.51 8.60 -0.22
N PRO A 31 -5.94 8.86 1.00
CA PRO A 31 -5.29 8.30 2.18
C PRO A 31 -5.68 6.85 2.39
N MET A 32 -5.46 6.03 1.36
CA MET A 32 -5.84 4.62 1.41
C MET A 32 -4.96 3.79 0.49
N LEU A 33 -4.30 2.78 1.05
CA LEU A 33 -3.54 1.82 0.26
C LEU A 33 -4.34 0.56 0.00
N CYS A 34 -4.60 0.28 -1.28
CA CYS A 34 -5.45 -0.85 -1.66
C CYS A 34 -4.63 -1.99 -2.23
N TYR A 35 -5.11 -3.22 -2.03
CA TYR A 35 -4.51 -4.38 -2.67
C TYR A 35 -5.59 -5.32 -3.21
N TRP A 36 -5.24 -6.08 -4.24
CA TRP A 36 -6.16 -7.05 -4.82
C TRP A 36 -5.54 -8.44 -4.87
N LYS A 37 -6.38 -9.47 -4.83
CA LYS A 37 -6.01 -10.78 -5.35
C LYS A 37 -5.89 -10.77 -6.87
N ARG A 38 -6.76 -10.02 -7.51
CA ARG A 38 -6.71 -9.85 -8.96
C ARG A 38 -7.50 -8.62 -9.41
N ARG A 39 -7.22 -8.16 -10.63
CA ARG A 39 -7.95 -7.04 -11.20
C ARG A 39 -9.17 -7.52 -11.97
N PRO A 40 -10.36 -7.18 -11.46
CA PRO A 40 -11.61 -7.56 -12.11
C PRO A 40 -11.94 -6.65 -13.26
N SER A 41 -12.94 -7.03 -14.05
CA SER A 41 -13.47 -6.17 -15.10
C SER A 41 -14.82 -5.58 -14.71
N GLY A 42 -15.23 -5.84 -13.47
CA GLY A 42 -16.53 -5.40 -12.99
C GLY A 42 -16.51 -3.93 -12.60
N PRO A 43 -17.66 -3.27 -12.69
CA PRO A 43 -17.76 -1.85 -12.38
C PRO A 43 -17.60 -1.60 -10.89
N HIS A 44 -17.76 -2.64 -10.08
CA HIS A 44 -17.62 -2.53 -8.64
C HIS A 44 -16.20 -2.16 -8.25
N VAL A 45 -15.24 -2.51 -9.10
CA VAL A 45 -13.84 -2.32 -8.79
C VAL A 45 -13.60 -2.26 -7.28
N SER A 46 -14.07 -3.27 -6.57
CA SER A 46 -13.79 -3.40 -5.15
C SER A 46 -12.50 -4.17 -4.91
N PRO A 47 -11.61 -3.60 -4.09
CA PRO A 47 -10.36 -4.24 -3.75
C PRO A 47 -10.58 -5.39 -2.77
N THR A 48 -9.58 -6.26 -2.64
CA THR A 48 -9.63 -7.34 -1.67
C THR A 48 -9.57 -6.81 -0.25
N GLY A 49 -8.76 -5.77 -0.04
CA GLY A 49 -8.68 -5.10 1.25
C GLY A 49 -7.95 -3.77 1.14
N THR A 50 -8.02 -2.97 2.19
CA THR A 50 -7.44 -1.64 2.19
C THR A 50 -6.63 -1.39 3.46
N ILE A 51 -5.66 -0.48 3.36
CA ILE A 51 -4.90 -0.04 4.52
C ILE A 51 -5.03 1.46 4.73
N ASP A 52 -5.50 1.84 5.92
CA ASP A 52 -5.74 3.25 6.23
C ASP A 52 -4.44 4.01 6.41
N LEU A 53 -4.21 5.01 5.58
CA LEU A 53 -2.94 5.73 5.56
C LEU A 53 -3.02 7.00 6.40
N THR A 54 -4.14 7.18 7.10
CA THR A 54 -4.34 8.34 7.96
C THR A 54 -3.22 8.47 8.99
N ASN A 55 -2.41 9.51 8.86
CA ASN A 55 -1.29 9.74 9.76
C ASN A 55 -0.42 8.49 9.88
N ALA A 56 -0.26 7.79 8.77
CA ALA A 56 0.60 6.60 8.73
C ALA A 56 2.06 6.98 8.59
N ARG A 57 2.94 6.09 9.02
CA ARG A 57 4.37 6.24 8.77
C ARG A 57 4.90 5.09 7.92
N PHE A 58 6.02 5.34 7.25
CA PHE A 58 6.54 4.40 6.25
C PHE A 58 8.01 4.09 6.49
N VAL A 59 8.28 2.86 6.92
CA VAL A 59 9.60 2.50 7.42
C VAL A 59 10.31 1.56 6.46
N GLU A 60 11.43 2.02 5.92
CA GLU A 60 12.26 1.19 5.05
C GLU A 60 12.85 0.01 5.81
N ASN A 61 12.75 -1.17 5.22
CA ASN A 61 13.27 -2.39 5.84
C ASN A 61 14.79 -2.41 5.79
N PRO A 62 15.42 -2.38 6.97
CA PRO A 62 16.86 -2.30 7.06
C PRO A 62 17.53 -3.41 6.27
N LYS A 63 16.83 -4.55 6.15
CA LYS A 63 17.40 -5.73 5.52
C LYS A 63 17.05 -5.80 4.05
N ASP A 64 16.16 -4.92 3.61
CA ASP A 64 15.63 -4.97 2.26
C ASP A 64 15.20 -3.59 1.78
N PRO A 65 16.11 -2.90 1.09
CA PRO A 65 15.85 -1.55 0.61
C PRO A 65 14.64 -1.50 -0.31
N ARG A 66 14.24 -2.67 -0.81
CA ARG A 66 13.17 -2.75 -1.78
C ARG A 66 11.81 -2.83 -1.11
N SER A 67 11.82 -3.07 0.20
CA SER A 67 10.59 -3.27 0.96
C SER A 67 10.44 -2.25 2.07
N TRP A 68 9.20 -1.93 2.43
CA TRP A 68 8.93 -1.02 3.53
C TRP A 68 7.62 -1.37 4.22
N THR A 69 7.48 -0.93 5.47
CA THR A 69 6.31 -1.28 6.28
C THR A 69 5.46 -0.04 6.55
N ILE A 70 4.15 -0.19 6.43
CA ILE A 70 3.21 0.89 6.73
C ILE A 70 2.57 0.69 8.09
N GLU A 71 2.66 1.71 8.94
CA GLU A 71 2.13 1.63 10.30
C GLU A 71 1.34 2.89 10.65
N GLY A 72 0.42 2.75 11.61
CA GLY A 72 -0.36 3.88 12.09
C GLY A 72 -1.29 3.47 13.22
N ASP A 73 -1.82 4.46 13.93
CA ASP A 73 -2.64 4.20 15.11
C ASP A 73 -3.96 3.56 14.74
N HIS A 74 -4.36 3.71 13.48
CA HIS A 74 -5.65 3.22 13.01
C HIS A 74 -5.51 1.82 12.42
N LEU A 75 -4.31 1.26 12.49
CA LEU A 75 -4.04 -0.06 11.94
C LEU A 75 -3.76 -1.08 13.05
N SER A 76 -4.59 -2.11 13.12
CA SER A 76 -4.40 -3.19 14.08
C SER A 76 -3.30 -4.13 13.62
N LYS A 77 -2.91 -4.02 12.36
CA LYS A 77 -1.83 -4.84 11.81
C LYS A 77 -0.82 -4.00 11.06
N THR A 78 0.40 -4.51 10.96
CA THR A 78 1.41 -3.92 10.09
C THR A 78 1.36 -4.50 8.69
N PHE A 79 1.63 -3.67 7.69
CA PHE A 79 1.61 -4.12 6.30
C PHE A 79 2.92 -3.78 5.59
N THR A 80 3.52 -4.78 4.96
CA THR A 80 4.80 -4.61 4.29
C THR A 80 4.67 -4.76 2.79
N LEU A 81 5.10 -3.75 2.05
CA LEU A 81 5.08 -3.80 0.59
C LEU A 81 6.47 -4.05 0.03
N THR A 82 6.53 -4.82 -1.06
CA THR A 82 7.80 -5.11 -1.72
C THR A 82 7.77 -4.68 -3.18
N ALA A 83 8.66 -3.75 -3.53
CA ALA A 83 8.68 -3.19 -4.87
C ALA A 83 9.80 -3.78 -5.71
N ASP A 84 9.70 -3.63 -7.02
CA ASP A 84 10.70 -4.16 -7.93
C ASP A 84 12.10 -3.66 -7.56
N THR A 85 12.22 -2.36 -7.34
CA THR A 85 13.51 -1.75 -7.02
C THR A 85 13.33 -0.56 -6.09
N GLU A 86 14.43 0.11 -5.79
CA GLU A 86 14.42 1.21 -4.81
C GLU A 86 13.64 2.40 -5.34
N GLU A 87 13.82 2.70 -6.63
CA GLU A 87 13.14 3.82 -7.25
C GLU A 87 11.63 3.62 -7.23
N GLN A 88 11.19 2.39 -7.47
CA GLN A 88 9.76 2.06 -7.43
C GLN A 88 9.22 2.14 -6.01
N ARG A 89 10.00 1.63 -5.06
CA ARG A 89 9.66 1.77 -3.64
C ARG A 89 9.41 3.22 -3.27
N GLU A 90 10.38 4.08 -3.60
CA GLU A 90 10.27 5.50 -3.27
C GLU A 90 9.02 6.12 -3.86
N ALA A 91 8.70 5.74 -5.09
CA ALA A 91 7.51 6.25 -5.78
C ALA A 91 6.25 5.92 -4.99
N TRP A 92 6.16 4.69 -4.52
CA TRP A 92 5.00 4.25 -3.75
C TRP A 92 4.90 4.98 -2.42
N VAL A 93 6.04 5.12 -1.75
CA VAL A 93 6.08 5.76 -0.44
C VAL A 93 5.70 7.24 -0.53
N ARG A 94 6.29 7.94 -1.49
CA ARG A 94 6.05 9.36 -1.66
C ARG A 94 4.57 9.65 -1.85
N GLU A 95 3.94 8.91 -2.75
CA GLU A 95 2.53 9.15 -3.10
C GLU A 95 1.63 8.90 -1.89
N MET A 96 1.98 7.90 -1.09
CA MET A 96 1.24 7.59 0.12
C MET A 96 1.49 8.63 1.22
N SER A 97 2.68 9.23 1.19
CA SER A 97 3.10 10.13 2.24
C SER A 97 2.49 11.52 2.06
N LYS A 98 1.91 11.75 0.90
CA LYS A 98 1.38 13.07 0.55
C LYS A 98 -0.12 13.15 0.83
N VAL A 99 -0.68 12.07 1.38
CA VAL A 99 -2.10 12.02 1.66
C VAL A 99 -2.45 12.76 2.94
N LYS A 100 -3.64 13.36 2.98
CA LYS A 100 -4.12 14.02 4.17
C LYS A 100 -5.45 13.42 4.64
N PRO A 101 -5.69 13.47 5.94
CA PRO A 101 -6.96 13.01 6.50
C PRO A 101 -8.14 13.70 5.83
N GLU A 102 -9.21 12.94 5.60
CA GLU A 102 -10.43 13.50 5.04
C GLU A 102 -11.31 14.09 6.13
N ASN A 103 -10.98 13.80 7.38
CA ASN A 103 -11.74 14.30 8.52
C ASN A 103 -11.30 15.70 8.91
N ARG A 104 -12.19 16.67 8.72
CA ARG A 104 -11.85 18.08 8.96
C ARG A 104 -11.65 18.35 10.44
N GLU A 105 -12.22 17.50 11.28
CA GLU A 105 -12.18 17.69 12.72
C GLU A 105 -10.75 17.70 13.25
N GLN A 106 -10.38 18.76 13.94
CA GLN A 106 -9.01 18.94 14.39
C GLN A 106 -8.79 18.35 15.78
N LEU A 107 -9.87 17.80 16.34
CA LEU A 107 -9.80 17.17 17.67
C LEU A 107 -9.69 15.65 17.54
N GLU A 108 -9.54 15.16 16.32
CA GLU A 108 -9.45 13.73 16.06
C GLU A 108 -8.23 13.41 15.21
N HIS A 109 -7.74 12.18 15.36
CA HIS A 109 -6.64 11.71 14.53
C HIS A 109 -5.33 12.40 14.89
N MET A 1 -4.96 14.39 -13.57
CA MET A 1 -6.34 14.03 -13.20
C MET A 1 -6.59 12.54 -13.41
N GLY A 2 -7.44 11.97 -12.57
CA GLY A 2 -7.77 10.55 -12.66
C GLY A 2 -8.67 10.12 -11.50
N SER A 3 -9.06 8.84 -11.52
CA SER A 3 -9.92 8.31 -10.48
C SER A 3 -9.13 7.93 -9.24
N VAL A 4 -7.81 7.89 -9.37
CA VAL A 4 -6.93 7.52 -8.27
C VAL A 4 -5.80 8.53 -8.11
N GLU A 5 -5.16 8.51 -6.94
CA GLU A 5 -3.91 9.24 -6.75
C GLU A 5 -2.74 8.45 -7.32
N TYR A 6 -2.84 7.12 -7.28
CA TYR A 6 -1.78 6.25 -7.81
C TYR A 6 -2.33 4.87 -8.12
N SER A 7 -1.72 4.22 -9.11
CA SER A 7 -2.02 2.82 -9.40
C SER A 7 -0.80 2.09 -9.94
N GLY A 8 -0.78 0.77 -9.79
CA GLY A 8 0.28 -0.05 -10.36
C GLY A 8 0.32 -1.42 -9.68
N TYR A 9 1.35 -2.20 -10.02
CA TYR A 9 1.54 -3.52 -9.42
C TYR A 9 2.74 -3.53 -8.49
N LEU A 10 2.63 -4.30 -7.41
CA LEU A 10 3.78 -4.58 -6.55
C LEU A 10 3.53 -5.80 -5.68
N GLN A 11 4.51 -6.16 -4.86
CA GLN A 11 4.47 -7.39 -4.09
C GLN A 11 4.01 -7.15 -2.66
N LYS A 12 3.16 -8.05 -2.16
CA LYS A 12 2.74 -8.00 -0.77
C LYS A 12 3.17 -9.26 -0.02
N THR A 13 3.71 -9.07 1.17
CA THR A 13 4.16 -10.20 1.99
C THR A 13 3.02 -10.80 2.78
N GLY A 14 2.95 -12.13 2.78
CA GLY A 14 1.94 -12.84 3.55
C GLY A 14 2.33 -14.30 3.75
N GLY A 15 1.33 -15.14 4.01
CA GLY A 15 1.58 -16.55 4.32
C GLY A 15 1.70 -16.77 5.83
N LYS A 16 1.69 -18.04 6.23
CA LYS A 16 1.65 -18.38 7.66
C LYS A 16 2.77 -17.67 8.42
N PHE A 17 3.94 -17.60 7.81
CA PHE A 17 5.12 -17.05 8.48
C PHE A 17 5.51 -15.70 7.89
N TYR A 18 4.61 -15.12 7.10
CA TYR A 18 4.86 -13.83 6.46
C TYR A 18 6.17 -13.86 5.68
N LYS A 19 6.36 -14.91 4.88
CA LYS A 19 7.58 -15.05 4.10
C LYS A 19 7.29 -15.01 2.61
N LYS A 20 6.02 -15.18 2.26
CA LYS A 20 5.63 -15.36 0.87
C LYS A 20 5.23 -14.02 0.24
N ASN A 21 5.85 -13.70 -0.89
CA ASN A 21 5.53 -12.49 -1.62
C ASN A 21 4.64 -12.77 -2.82
N GLN A 22 3.52 -12.07 -2.91
CA GLN A 22 2.59 -12.23 -4.04
C GLN A 22 2.33 -10.90 -4.73
N THR A 23 2.17 -10.95 -6.04
CA THR A 23 1.91 -9.75 -6.83
C THR A 23 0.45 -9.34 -6.76
N ARG A 24 0.21 -8.07 -6.45
CA ARG A 24 -1.15 -7.56 -6.36
C ARG A 24 -1.28 -6.21 -7.06
N TYR A 25 -2.50 -5.88 -7.49
CA TYR A 25 -2.76 -4.58 -8.10
C TYR A 25 -3.14 -3.54 -7.05
N PHE A 26 -2.42 -2.43 -7.05
CA PHE A 26 -2.59 -1.40 -6.03
C PHE A 26 -3.26 -0.16 -6.60
N GLU A 27 -4.16 0.43 -5.82
CA GLU A 27 -4.64 1.78 -6.09
C GLU A 27 -4.62 2.63 -4.82
N LEU A 28 -4.30 3.91 -4.98
CA LEU A 28 -4.38 4.86 -3.88
C LEU A 28 -5.55 5.82 -4.05
N ARG A 29 -6.49 5.78 -3.12
CA ARG A 29 -7.69 6.59 -3.21
C ARG A 29 -7.94 7.35 -1.91
N GLY A 30 -7.32 8.51 -1.78
CA GLY A 30 -7.20 9.18 -0.49
C GLY A 30 -6.27 8.41 0.45
N PRO A 31 -6.43 8.65 1.75
CA PRO A 31 -5.62 7.95 2.75
C PRO A 31 -6.08 6.51 2.92
N MET A 32 -6.04 5.75 1.84
CA MET A 32 -6.54 4.38 1.84
C MET A 32 -5.90 3.55 0.73
N LEU A 33 -5.38 2.39 1.09
CA LEU A 33 -4.81 1.47 0.11
C LEU A 33 -5.76 0.32 -0.20
N CYS A 34 -5.91 0.02 -1.49
CA CYS A 34 -6.68 -1.14 -1.91
C CYS A 34 -5.85 -2.06 -2.81
N TYR A 35 -5.92 -3.35 -2.54
CA TYR A 35 -5.31 -4.35 -3.42
C TYR A 35 -6.36 -5.16 -4.15
N TRP A 36 -6.05 -5.54 -5.39
CA TRP A 36 -6.78 -6.62 -6.06
C TRP A 36 -5.82 -7.75 -6.46
N LYS A 37 -6.32 -8.97 -6.45
CA LYS A 37 -5.64 -10.09 -7.09
C LYS A 37 -5.22 -9.73 -8.51
N ARG A 38 -6.16 -9.19 -9.27
CA ARG A 38 -5.85 -8.63 -10.59
C ARG A 38 -6.57 -7.32 -10.81
N ARG A 39 -5.98 -6.45 -11.64
CA ARG A 39 -6.62 -5.20 -12.02
C ARG A 39 -8.07 -5.42 -12.43
N PRO A 40 -8.97 -4.65 -11.84
CA PRO A 40 -10.39 -4.76 -12.17
C PRO A 40 -10.62 -4.70 -13.67
N SER A 41 -11.52 -5.56 -14.15
CA SER A 41 -11.89 -5.56 -15.56
C SER A 41 -12.95 -4.49 -15.85
N GLY A 42 -13.47 -3.89 -14.79
CA GLY A 42 -14.53 -2.90 -14.92
C GLY A 42 -14.97 -2.39 -13.55
N PRO A 43 -16.03 -1.57 -13.55
CA PRO A 43 -16.55 -1.01 -12.30
C PRO A 43 -17.06 -2.10 -11.38
N HIS A 44 -17.11 -1.80 -10.09
CA HIS A 44 -17.79 -2.66 -9.13
C HIS A 44 -17.07 -4.00 -8.98
N VAL A 45 -15.76 -3.94 -8.80
CA VAL A 45 -14.98 -5.13 -8.48
C VAL A 45 -14.41 -5.05 -7.06
N SER A 46 -14.81 -6.01 -6.22
CA SER A 46 -14.43 -6.00 -4.82
C SER A 46 -12.92 -6.14 -4.66
N PRO A 47 -12.36 -5.42 -3.71
CA PRO A 47 -10.93 -5.50 -3.42
C PRO A 47 -10.58 -6.82 -2.75
N THR A 48 -9.33 -7.24 -2.88
CA THR A 48 -8.84 -8.42 -2.19
C THR A 48 -8.46 -8.10 -0.75
N GLY A 49 -8.02 -6.87 -0.51
CA GLY A 49 -7.67 -6.42 0.83
C GLY A 49 -7.29 -4.95 0.84
N THR A 50 -7.42 -4.31 1.99
CA THR A 50 -7.17 -2.87 2.10
C THR A 50 -6.30 -2.57 3.31
N ILE A 51 -5.61 -1.43 3.27
CA ILE A 51 -4.93 -0.90 4.45
C ILE A 51 -5.30 0.56 4.69
N ASP A 52 -5.74 0.86 5.90
CA ASP A 52 -6.12 2.22 6.28
C ASP A 52 -4.88 3.05 6.58
N LEU A 53 -4.65 4.08 5.76
CA LEU A 53 -3.39 4.82 5.80
C LEU A 53 -3.53 6.08 6.65
N THR A 54 -4.65 6.20 7.35
CA THR A 54 -4.89 7.34 8.23
C THR A 54 -3.85 7.41 9.33
N ASN A 55 -3.09 8.50 9.35
CA ASN A 55 -2.02 8.69 10.33
C ASN A 55 -1.06 7.50 10.30
N ALA A 56 -0.86 6.94 9.12
CA ALA A 56 0.10 5.86 8.94
C ALA A 56 1.49 6.41 8.59
N ARG A 57 2.51 5.60 8.79
CA ARG A 57 3.86 5.95 8.39
C ARG A 57 4.48 4.88 7.50
N PHE A 58 5.39 5.29 6.62
CA PHE A 58 6.07 4.36 5.73
C PHE A 58 7.57 4.33 6.01
N VAL A 59 8.04 3.21 6.56
CA VAL A 59 9.39 3.13 7.10
C VAL A 59 10.17 2.00 6.46
N GLU A 60 11.50 2.10 6.51
CA GLU A 60 12.37 1.08 5.93
C GLU A 60 12.22 -0.24 6.67
N ASN A 61 12.25 -1.34 5.91
CA ASN A 61 12.24 -2.67 6.51
C ASN A 61 13.58 -3.03 7.12
N PRO A 62 13.58 -3.28 8.43
CA PRO A 62 14.82 -3.57 9.15
C PRO A 62 15.62 -4.67 8.47
N LYS A 63 14.91 -5.58 7.81
CA LYS A 63 15.55 -6.75 7.21
C LYS A 63 15.94 -6.49 5.76
N ASP A 64 15.45 -5.38 5.22
CA ASP A 64 15.63 -5.07 3.81
C ASP A 64 15.58 -3.57 3.55
N PRO A 65 16.75 -2.95 3.48
CA PRO A 65 16.85 -1.50 3.34
C PRO A 65 16.11 -1.02 2.11
N ARG A 66 15.89 -1.92 1.16
CA ARG A 66 15.26 -1.58 -0.11
C ARG A 66 13.75 -1.52 0.03
N SER A 67 13.20 -2.31 0.95
CA SER A 67 11.76 -2.44 1.10
C SER A 67 11.26 -1.63 2.28
N TRP A 68 9.94 -1.59 2.46
CA TRP A 68 9.32 -0.71 3.44
C TRP A 68 8.13 -1.39 4.11
N THR A 69 7.71 -0.85 5.24
CA THR A 69 6.54 -1.36 5.95
C THR A 69 5.56 -0.24 6.27
N ILE A 70 4.32 -0.62 6.57
CA ILE A 70 3.28 0.36 6.89
C ILE A 70 2.76 0.17 8.31
N GLU A 71 2.82 1.24 9.10
CA GLU A 71 2.41 1.18 10.49
C GLU A 71 1.58 2.40 10.88
N GLY A 72 0.79 2.26 11.94
CA GLY A 72 0.09 3.40 12.53
C GLY A 72 -1.37 3.07 12.81
N ASP A 73 -2.09 4.03 13.35
CA ASP A 73 -3.50 3.85 13.71
C ASP A 73 -3.68 2.57 14.51
N HIS A 74 -4.67 1.77 14.12
CA HIS A 74 -4.91 0.48 14.75
C HIS A 74 -4.66 -0.67 13.77
N LEU A 75 -3.72 -0.47 12.86
CA LEU A 75 -3.38 -1.48 11.87
C LEU A 75 -2.89 -2.76 12.53
N SER A 76 -3.33 -3.89 12.00
CA SER A 76 -2.94 -5.19 12.55
C SER A 76 -1.45 -5.46 12.36
N LYS A 77 -0.75 -5.70 13.46
CA LYS A 77 0.69 -5.94 13.41
C LYS A 77 1.39 -4.92 12.53
N THR A 78 2.22 -5.41 11.61
CA THR A 78 2.88 -4.55 10.64
C THR A 78 2.73 -5.09 9.23
N PHE A 79 2.39 -4.22 8.29
CA PHE A 79 2.27 -4.61 6.89
C PHE A 79 3.58 -4.37 6.15
N THR A 80 4.00 -5.38 5.38
CA THR A 80 5.26 -5.31 4.64
C THR A 80 5.02 -5.34 3.14
N LEU A 81 5.63 -4.38 2.43
CA LEU A 81 5.49 -4.31 0.98
C LEU A 81 6.86 -4.24 0.31
N THR A 82 6.95 -4.78 -0.89
CA THR A 82 8.10 -4.54 -1.76
C THR A 82 7.69 -4.48 -3.23
N ALA A 83 8.68 -4.36 -4.11
CA ALA A 83 8.42 -4.15 -5.52
C ALA A 83 9.53 -4.74 -6.39
N ASP A 84 9.28 -4.82 -7.69
CA ASP A 84 10.20 -5.48 -8.60
C ASP A 84 11.45 -4.65 -8.82
N THR A 85 11.28 -3.34 -8.94
CA THR A 85 12.39 -2.44 -9.19
C THR A 85 12.63 -1.50 -8.01
N GLU A 86 13.86 -1.05 -7.86
CA GLU A 86 14.20 -0.09 -6.81
C GLU A 86 13.44 1.21 -6.99
N GLU A 87 13.22 1.60 -8.24
CA GLU A 87 12.51 2.84 -8.55
C GLU A 87 11.08 2.80 -8.01
N GLN A 88 10.43 1.65 -8.16
CA GLN A 88 9.09 1.45 -7.63
C GLN A 88 9.10 1.52 -6.10
N ARG A 89 10.09 0.88 -5.49
CA ARG A 89 10.18 0.82 -4.04
C ARG A 89 10.30 2.21 -3.43
N GLU A 90 11.11 3.06 -4.07
CA GLU A 90 11.31 4.43 -3.60
C GLU A 90 10.10 5.31 -3.94
N ALA A 91 9.61 5.17 -5.17
CA ALA A 91 8.50 6.00 -5.64
C ALA A 91 7.28 5.86 -4.76
N TRP A 92 7.01 4.62 -4.33
CA TRP A 92 5.87 4.34 -3.46
C TRP A 92 5.83 5.32 -2.29
N VAL A 93 6.92 5.37 -1.54
CA VAL A 93 6.96 6.16 -0.31
C VAL A 93 6.82 7.65 -0.61
N ARG A 94 7.46 8.10 -1.68
CA ARG A 94 7.43 9.50 -2.05
C ARG A 94 6.02 9.95 -2.42
N GLU A 95 5.34 9.12 -3.22
CA GLU A 95 4.02 9.47 -3.72
C GLU A 95 3.00 9.55 -2.59
N MET A 96 3.19 8.70 -1.58
CA MET A 96 2.27 8.66 -0.45
C MET A 96 2.27 9.98 0.32
N SER A 97 3.34 10.75 0.15
CA SER A 97 3.50 12.00 0.88
C SER A 97 2.54 13.06 0.38
N LYS A 98 1.88 12.78 -0.74
CA LYS A 98 0.95 13.72 -1.35
C LYS A 98 -0.42 13.63 -0.70
N VAL A 99 -0.61 12.62 0.14
CA VAL A 99 -1.92 12.34 0.73
C VAL A 99 -1.88 12.50 2.25
N LYS A 100 -2.87 13.20 2.80
CA LYS A 100 -2.94 13.43 4.23
C LYS A 100 -4.20 12.81 4.82
N PRO A 101 -4.16 12.50 6.12
CA PRO A 101 -5.34 12.06 6.84
C PRO A 101 -6.42 13.13 6.82
N GLU A 102 -6.03 14.36 6.50
CA GLU A 102 -6.98 15.48 6.42
C GLU A 102 -7.77 15.42 5.12
N ASN A 103 -7.45 14.44 4.27
CA ASN A 103 -8.15 14.27 3.01
C ASN A 103 -9.29 13.26 3.15
N ARG A 104 -9.57 12.85 4.38
CA ARG A 104 -10.71 12.00 4.66
C ARG A 104 -12.02 12.72 4.41
N GLU A 105 -13.05 11.97 4.03
CA GLU A 105 -14.39 12.53 3.84
C GLU A 105 -14.87 13.23 5.10
N GLN A 106 -15.36 14.45 4.94
CA GLN A 106 -15.85 15.24 6.07
C GLN A 106 -17.37 15.21 6.15
N LEU A 107 -17.89 15.45 7.35
CA LEU A 107 -19.33 15.49 7.55
C LEU A 107 -19.82 16.92 7.78
N GLU A 108 -21.04 17.21 7.36
CA GLU A 108 -21.67 18.49 7.63
C GLU A 108 -22.28 18.52 9.03
N HIS A 109 -22.67 17.34 9.51
CA HIS A 109 -23.34 17.23 10.80
C HIS A 109 -24.69 17.94 10.78
N MET A 1 -8.03 6.09 -15.35
CA MET A 1 -7.36 6.06 -14.05
C MET A 1 -7.53 7.40 -13.33
N GLY A 2 -8.61 8.10 -13.62
CA GLY A 2 -8.81 9.46 -13.13
C GLY A 2 -9.23 9.46 -11.66
N SER A 3 -9.45 8.26 -11.12
CA SER A 3 -9.83 8.11 -9.72
C SER A 3 -8.73 7.44 -8.92
N VAL A 4 -7.54 7.35 -9.51
CA VAL A 4 -6.41 6.68 -8.87
C VAL A 4 -5.22 7.61 -8.75
N GLU A 5 -4.60 7.64 -7.58
CA GLU A 5 -3.44 8.49 -7.33
C GLU A 5 -2.16 7.79 -7.75
N TYR A 6 -2.09 6.49 -7.54
CA TYR A 6 -0.93 5.70 -7.93
C TYR A 6 -1.31 4.25 -8.21
N SER A 7 -0.62 3.63 -9.17
CA SER A 7 -0.88 2.23 -9.51
C SER A 7 0.42 1.49 -9.77
N GLY A 8 0.41 0.19 -9.53
CA GLY A 8 1.53 -0.67 -9.89
C GLY A 8 1.35 -2.07 -9.33
N TYR A 9 2.39 -2.89 -9.44
CA TYR A 9 2.36 -4.25 -8.94
C TYR A 9 3.42 -4.48 -7.86
N LEU A 10 3.07 -5.26 -6.85
CA LEU A 10 4.02 -5.60 -5.78
C LEU A 10 4.09 -7.10 -5.57
N GLN A 11 5.24 -7.56 -5.08
CA GLN A 11 5.47 -8.99 -4.89
C GLN A 11 5.12 -9.42 -3.46
N LYS A 12 4.75 -10.68 -3.31
CA LYS A 12 4.65 -11.29 -1.99
C LYS A 12 5.35 -12.65 -1.96
N THR A 13 5.86 -13.03 -0.80
CA THR A 13 6.42 -14.36 -0.60
C THR A 13 5.80 -15.04 0.62
N GLY A 14 5.37 -16.28 0.44
CA GLY A 14 4.78 -17.05 1.53
C GLY A 14 5.31 -18.48 1.53
N GLY A 15 4.59 -19.37 2.22
CA GLY A 15 5.05 -20.74 2.42
C GLY A 15 5.81 -20.88 3.73
N LYS A 16 5.91 -22.12 4.22
CA LYS A 16 6.52 -22.37 5.52
C LYS A 16 7.91 -21.76 5.61
N PHE A 17 8.65 -21.82 4.52
CA PHE A 17 10.03 -21.32 4.49
C PHE A 17 10.17 -20.16 3.52
N TYR A 18 9.08 -19.44 3.29
CA TYR A 18 9.10 -18.28 2.41
C TYR A 18 9.65 -18.64 1.04
N LYS A 19 8.99 -19.58 0.36
CA LYS A 19 9.48 -20.09 -0.91
C LYS A 19 8.52 -19.74 -2.05
N LYS A 20 7.25 -19.56 -1.71
CA LYS A 20 6.21 -19.40 -2.72
C LYS A 20 5.98 -17.94 -3.05
N ASN A 21 6.26 -17.57 -4.29
CA ASN A 21 6.15 -16.18 -4.72
C ASN A 21 4.82 -15.92 -5.43
N GLN A 22 4.33 -14.69 -5.33
CA GLN A 22 3.17 -14.27 -6.10
C GLN A 22 3.19 -12.77 -6.35
N THR A 23 2.45 -12.34 -7.37
CA THR A 23 2.33 -10.91 -7.68
C THR A 23 0.87 -10.46 -7.63
N ARG A 24 0.64 -9.31 -6.98
CA ARG A 24 -0.69 -8.76 -6.88
C ARG A 24 -0.71 -7.29 -7.29
N TYR A 25 -1.89 -6.81 -7.71
CA TYR A 25 -2.04 -5.43 -8.14
C TYR A 25 -2.32 -4.51 -6.96
N PHE A 26 -1.61 -3.39 -6.89
CA PHE A 26 -1.86 -2.37 -5.88
C PHE A 26 -2.14 -1.02 -6.52
N GLU A 27 -2.95 -0.21 -5.85
CA GLU A 27 -3.14 1.18 -6.24
C GLU A 27 -3.50 2.04 -5.04
N LEU A 28 -3.24 3.35 -5.16
CA LEU A 28 -3.51 4.28 -4.07
C LEU A 28 -4.71 5.17 -4.38
N ARG A 29 -5.67 5.19 -3.47
CA ARG A 29 -6.85 6.04 -3.62
C ARG A 29 -7.07 6.90 -2.38
N GLY A 30 -6.62 8.15 -2.46
CA GLY A 30 -6.52 9.00 -1.28
C GLY A 30 -5.58 8.42 -0.24
N PRO A 31 -6.03 8.37 1.01
CA PRO A 31 -5.23 7.82 2.10
C PRO A 31 -5.29 6.30 2.11
N MET A 32 -6.18 5.74 1.29
CA MET A 32 -6.47 4.31 1.34
C MET A 32 -5.64 3.55 0.30
N LEU A 33 -5.11 2.41 0.71
CA LEU A 33 -4.46 1.49 -0.23
C LEU A 33 -5.38 0.35 -0.63
N CYS A 34 -5.50 0.13 -1.93
CA CYS A 34 -6.32 -0.96 -2.45
C CYS A 34 -5.48 -1.97 -3.22
N TYR A 35 -5.87 -3.24 -3.14
CA TYR A 35 -5.24 -4.29 -3.93
C TYR A 35 -6.26 -5.34 -4.34
N TRP A 36 -5.91 -6.14 -5.35
CA TRP A 36 -6.70 -7.30 -5.73
C TRP A 36 -5.87 -8.31 -6.51
N LYS A 37 -6.34 -9.55 -6.56
CA LYS A 37 -5.78 -10.55 -7.45
C LYS A 37 -6.48 -10.55 -8.80
N ARG A 38 -7.68 -9.99 -8.83
CA ARG A 38 -8.49 -9.96 -10.04
C ARG A 38 -9.10 -8.59 -10.27
N ARG A 39 -9.04 -8.13 -11.52
CA ARG A 39 -9.48 -6.78 -11.85
C ARG A 39 -11.00 -6.65 -11.75
N PRO A 40 -11.47 -5.46 -11.43
CA PRO A 40 -12.90 -5.21 -11.30
C PRO A 40 -13.60 -5.32 -12.65
N SER A 41 -14.87 -5.71 -12.62
CA SER A 41 -15.65 -5.87 -13.84
C SER A 41 -16.20 -4.52 -14.32
N GLY A 42 -16.10 -3.52 -13.46
CA GLY A 42 -16.61 -2.18 -13.78
C GLY A 42 -16.49 -1.24 -12.59
N PRO A 43 -16.99 -0.03 -12.76
CA PRO A 43 -16.92 0.98 -11.69
C PRO A 43 -17.65 0.52 -10.45
N HIS A 44 -17.17 0.96 -9.29
CA HIS A 44 -17.87 0.73 -8.03
C HIS A 44 -17.78 -0.73 -7.61
N VAL A 45 -16.97 -1.50 -8.32
CA VAL A 45 -16.62 -2.85 -7.90
C VAL A 45 -15.48 -2.83 -6.88
N SER A 46 -15.72 -3.47 -5.74
CA SER A 46 -14.78 -3.40 -4.63
C SER A 46 -13.54 -4.24 -4.90
N PRO A 47 -12.37 -3.70 -4.54
CA PRO A 47 -11.16 -4.51 -4.40
C PRO A 47 -11.40 -5.70 -3.49
N THR A 48 -10.43 -6.61 -3.45
CA THR A 48 -10.53 -7.80 -2.61
C THR A 48 -10.03 -7.51 -1.19
N GLY A 49 -9.53 -6.30 -0.98
CA GLY A 49 -9.03 -5.90 0.33
C GLY A 49 -8.37 -4.54 0.27
N THR A 50 -8.48 -3.78 1.36
CA THR A 50 -7.85 -2.47 1.45
C THR A 50 -7.09 -2.31 2.77
N ILE A 51 -6.19 -1.35 2.82
CA ILE A 51 -5.49 -1.01 4.06
C ILE A 51 -5.61 0.48 4.38
N ASP A 52 -6.00 0.78 5.60
CA ASP A 52 -6.04 2.15 6.08
C ASP A 52 -4.72 2.56 6.71
N LEU A 53 -3.97 3.40 6.00
CA LEU A 53 -2.62 3.76 6.44
C LEU A 53 -2.55 5.22 6.87
N THR A 54 -3.69 5.75 7.31
CA THR A 54 -3.76 7.13 7.77
C THR A 54 -2.80 7.39 8.93
N ASN A 55 -1.99 8.43 8.80
CA ASN A 55 -1.04 8.79 9.85
C ASN A 55 -0.10 7.64 10.17
N ALA A 56 0.27 6.88 9.16
CA ALA A 56 1.26 5.81 9.30
C ALA A 56 2.67 6.38 9.36
N ARG A 57 3.56 5.63 9.99
CA ARG A 57 5.00 5.90 9.89
C ARG A 57 5.63 5.09 8.76
N PHE A 58 6.53 5.73 8.02
CA PHE A 58 7.10 5.12 6.82
C PHE A 58 8.61 5.00 6.95
N VAL A 59 9.10 3.76 6.99
CA VAL A 59 10.53 3.51 7.12
C VAL A 59 10.92 2.19 6.44
N GLU A 60 12.10 2.17 5.83
CA GLU A 60 12.63 0.94 5.23
C GLU A 60 13.15 0.00 6.30
N ASN A 61 13.06 -1.30 6.03
CA ASN A 61 13.71 -2.30 6.86
C ASN A 61 15.22 -2.23 6.72
N PRO A 62 15.90 -1.90 7.83
CA PRO A 62 17.34 -1.69 7.81
C PRO A 62 18.06 -2.91 7.25
N LYS A 63 17.44 -4.08 7.40
CA LYS A 63 18.08 -5.33 7.02
C LYS A 63 17.91 -5.62 5.53
N ASP A 64 16.89 -4.99 4.94
CA ASP A 64 16.53 -5.27 3.56
C ASP A 64 15.69 -4.14 2.97
N PRO A 65 16.35 -3.21 2.30
CA PRO A 65 15.70 -1.99 1.83
C PRO A 65 14.55 -2.32 0.88
N ARG A 66 14.57 -3.53 0.34
CA ARG A 66 13.57 -3.94 -0.65
C ARG A 66 12.19 -4.06 -0.02
N SER A 67 12.15 -4.11 1.31
CA SER A 67 10.90 -4.24 2.04
C SER A 67 10.64 -3.01 2.91
N TRP A 68 9.73 -2.16 2.46
CA TRP A 68 9.39 -0.95 3.20
C TRP A 68 8.34 -1.23 4.27
N THR A 69 8.61 -0.77 5.49
CA THR A 69 7.70 -1.01 6.61
C THR A 69 6.81 0.20 6.85
N ILE A 70 5.50 -0.04 6.82
CA ILE A 70 4.53 1.01 7.14
C ILE A 70 3.67 0.61 8.35
N GLU A 71 3.81 1.36 9.43
CA GLU A 71 3.25 0.96 10.72
C GLU A 71 2.95 2.18 11.59
N GLY A 72 2.20 1.96 12.66
CA GLY A 72 1.95 3.00 13.65
C GLY A 72 0.78 2.63 14.56
N ASP A 73 0.69 3.31 15.69
CA ASP A 73 -0.32 2.99 16.70
C ASP A 73 -1.68 3.56 16.31
N HIS A 74 -1.71 4.31 15.21
CA HIS A 74 -2.95 4.91 14.73
C HIS A 74 -3.63 4.01 13.71
N LEU A 75 -3.00 2.88 13.41
CA LEU A 75 -3.48 1.99 12.36
C LEU A 75 -4.24 0.81 12.95
N SER A 76 -5.29 0.37 12.25
CA SER A 76 -5.91 -0.91 12.53
C SER A 76 -5.23 -2.02 11.73
N LYS A 77 -4.42 -1.63 10.74
CA LYS A 77 -3.75 -2.59 9.88
C LYS A 77 -2.48 -2.00 9.28
N THR A 78 -1.40 -2.76 9.29
CA THR A 78 -0.13 -2.30 8.76
C THR A 78 0.07 -2.77 7.32
N PHE A 79 1.15 -2.33 6.70
CA PHE A 79 1.45 -2.69 5.32
C PHE A 79 2.95 -2.80 5.09
N THR A 80 3.34 -3.82 4.33
CA THR A 80 4.73 -3.95 3.89
C THR A 80 4.83 -3.91 2.37
N LEU A 81 5.72 -3.06 1.86
CA LEU A 81 5.86 -2.88 0.42
C LEU A 81 7.11 -3.59 -0.10
N THR A 82 6.91 -4.71 -0.77
CA THR A 82 8.00 -5.45 -1.39
C THR A 82 8.27 -4.96 -2.80
N ALA A 83 9.49 -4.49 -3.04
CA ALA A 83 9.81 -3.80 -4.29
C ALA A 83 11.11 -4.34 -4.89
N ASP A 84 11.25 -4.17 -6.20
CA ASP A 84 12.48 -4.57 -6.89
C ASP A 84 13.48 -3.42 -6.95
N THR A 85 12.97 -2.19 -6.90
CA THR A 85 13.79 -1.01 -7.09
C THR A 85 13.34 0.13 -6.19
N GLU A 86 14.27 1.01 -5.84
CA GLU A 86 13.95 2.19 -5.04
C GLU A 86 12.86 3.03 -5.70
N GLU A 87 12.83 3.01 -7.03
CA GLU A 87 11.89 3.83 -7.79
C GLU A 87 10.45 3.49 -7.42
N GLN A 88 10.18 2.19 -7.23
CA GLN A 88 8.86 1.73 -6.86
C GLN A 88 8.51 2.16 -5.43
N ARG A 89 9.46 2.02 -4.53
CA ARG A 89 9.26 2.35 -3.13
C ARG A 89 8.99 3.84 -2.94
N GLU A 90 9.84 4.66 -3.54
CA GLU A 90 9.75 6.10 -3.37
C GLU A 90 8.50 6.66 -4.02
N ALA A 91 8.16 6.14 -5.19
CA ALA A 91 7.01 6.63 -5.95
C ALA A 91 5.72 6.50 -5.15
N TRP A 92 5.54 5.35 -4.51
CA TRP A 92 4.36 5.11 -3.69
C TRP A 92 4.39 5.96 -2.42
N VAL A 93 5.50 5.91 -1.71
CA VAL A 93 5.62 6.60 -0.43
C VAL A 93 5.47 8.10 -0.59
N ARG A 94 6.08 8.64 -1.65
CA ARG A 94 6.03 10.07 -1.92
C ARG A 94 4.60 10.60 -1.82
N GLU A 95 3.67 9.90 -2.46
CA GLU A 95 2.28 10.31 -2.45
C GLU A 95 1.65 10.11 -1.08
N MET A 96 2.09 9.07 -0.38
CA MET A 96 1.56 8.77 0.95
C MET A 96 1.88 9.88 1.93
N SER A 97 2.96 10.62 1.66
CA SER A 97 3.38 11.69 2.55
C SER A 97 2.54 12.94 2.35
N LYS A 98 1.71 12.92 1.30
CA LYS A 98 0.88 14.07 0.97
C LYS A 98 -0.49 13.97 1.63
N VAL A 99 -1.11 15.12 1.88
CA VAL A 99 -2.47 15.15 2.39
C VAL A 99 -3.49 15.01 1.26
N LYS A 100 -4.38 14.03 1.39
CA LYS A 100 -5.36 13.75 0.35
C LYS A 100 -6.76 13.64 0.94
N PRO A 101 -7.76 14.03 0.16
CA PRO A 101 -9.15 13.86 0.55
C PRO A 101 -9.46 12.41 0.91
N GLU A 102 -10.29 12.21 1.93
CA GLU A 102 -10.64 10.88 2.39
C GLU A 102 -11.70 10.26 1.50
N ASN A 103 -11.32 9.93 0.27
CA ASN A 103 -12.26 9.40 -0.71
C ASN A 103 -12.48 7.91 -0.51
N ARG A 104 -13.67 7.43 -0.85
CA ARG A 104 -13.93 6.00 -0.91
C ARG A 104 -13.56 5.44 -2.27
N GLU A 105 -13.05 4.20 -2.28
CA GLU A 105 -12.60 3.56 -3.51
C GLU A 105 -13.76 3.37 -4.48
N GLN A 106 -14.98 3.45 -3.97
CA GLN A 106 -16.17 3.30 -4.80
C GLN A 106 -16.73 4.66 -5.20
N LEU A 107 -16.07 5.72 -4.75
CA LEU A 107 -16.56 7.07 -4.97
C LEU A 107 -16.59 7.42 -6.45
N GLU A 108 -17.69 8.00 -6.89
CA GLU A 108 -17.81 8.46 -8.28
C GLU A 108 -16.93 9.67 -8.53
N HIS A 109 -16.26 9.67 -9.67
CA HIS A 109 -15.43 10.81 -10.08
C HIS A 109 -15.82 11.29 -11.47
N MET A 1 -3.40 17.42 -4.95
CA MET A 1 -2.11 17.44 -4.25
C MET A 1 -2.19 16.64 -2.95
N GLY A 2 -3.39 16.55 -2.38
CA GLY A 2 -3.58 15.93 -1.08
C GLY A 2 -3.88 14.44 -1.23
N SER A 3 -3.51 13.88 -2.38
CA SER A 3 -3.84 12.49 -2.70
C SER A 3 -2.67 11.81 -3.42
N VAL A 4 -2.70 10.49 -3.46
CA VAL A 4 -1.66 9.71 -4.12
C VAL A 4 -2.01 9.45 -5.57
N GLU A 5 -1.01 9.55 -6.44
CA GLU A 5 -1.14 9.09 -7.83
C GLU A 5 -0.19 7.93 -8.10
N TYR A 6 -0.64 6.73 -7.78
CA TYR A 6 0.22 5.55 -7.91
C TYR A 6 -0.62 4.28 -8.03
N SER A 7 -0.12 3.32 -8.80
CA SER A 7 -0.67 1.97 -8.79
C SER A 7 0.34 0.96 -9.32
N GLY A 8 0.08 -0.32 -9.07
CA GLY A 8 0.89 -1.39 -9.64
C GLY A 8 0.91 -2.60 -8.71
N TYR A 9 1.62 -3.65 -9.15
CA TYR A 9 1.71 -4.88 -8.37
C TYR A 9 2.74 -4.75 -7.26
N LEU A 10 2.46 -5.39 -6.12
CA LEU A 10 3.46 -5.57 -5.07
C LEU A 10 3.55 -7.04 -4.65
N GLN A 11 4.67 -7.40 -4.03
CA GLN A 11 4.82 -8.72 -3.43
C GLN A 11 4.68 -8.66 -1.92
N LYS A 12 4.02 -9.66 -1.35
CA LYS A 12 3.92 -9.79 0.10
C LYS A 12 4.40 -11.17 0.55
N THR A 13 4.89 -11.23 1.79
CA THR A 13 5.32 -12.50 2.38
C THR A 13 4.57 -12.79 3.68
N GLY A 14 4.07 -14.01 3.82
CA GLY A 14 3.36 -14.41 5.03
C GLY A 14 3.65 -15.86 5.39
N GLY A 15 2.79 -16.45 6.21
CA GLY A 15 3.04 -17.78 6.75
C GLY A 15 3.74 -17.69 8.11
N LYS A 16 3.70 -18.78 8.86
CA LYS A 16 4.21 -18.79 10.23
C LYS A 16 5.65 -18.29 10.28
N PHE A 17 6.44 -18.67 9.28
CA PHE A 17 7.85 -18.33 9.26
C PHE A 17 8.18 -17.43 8.07
N TYR A 18 7.17 -16.71 7.58
CA TYR A 18 7.35 -15.79 6.46
C TYR A 18 8.01 -16.49 5.28
N LYS A 19 7.41 -17.58 4.83
CA LYS A 19 7.98 -18.37 3.74
C LYS A 19 7.12 -18.26 2.48
N LYS A 20 5.85 -17.93 2.66
CA LYS A 20 4.89 -17.95 1.56
C LYS A 20 4.79 -16.59 0.89
N ASN A 21 5.08 -16.55 -0.41
CA ASN A 21 5.01 -15.31 -1.18
C ASN A 21 3.71 -15.22 -1.96
N GLN A 22 3.17 -14.00 -2.04
CA GLN A 22 1.98 -13.74 -2.85
C GLN A 22 2.14 -12.46 -3.65
N THR A 23 1.50 -12.40 -4.81
CA THR A 23 1.48 -11.20 -5.62
C THR A 23 0.08 -10.60 -5.71
N ARG A 24 -0.03 -9.31 -5.46
CA ARG A 24 -1.31 -8.62 -5.50
C ARG A 24 -1.20 -7.29 -6.23
N TYR A 25 -2.29 -6.88 -6.88
CA TYR A 25 -2.36 -5.57 -7.51
C TYR A 25 -2.86 -4.51 -6.54
N PHE A 26 -2.13 -3.40 -6.46
CA PHE A 26 -2.48 -2.32 -5.54
C PHE A 26 -2.84 -1.05 -6.30
N GLU A 27 -3.79 -0.30 -5.78
CA GLU A 27 -4.01 1.09 -6.19
C GLU A 27 -4.18 2.00 -5.00
N LEU A 28 -3.36 3.03 -4.92
CA LEU A 28 -3.27 3.87 -3.73
C LEU A 28 -3.73 5.29 -4.02
N ARG A 29 -4.80 5.72 -3.36
CA ARG A 29 -5.37 7.04 -3.58
C ARG A 29 -5.54 7.79 -2.26
N GLY A 30 -4.57 8.65 -1.96
CA GLY A 30 -4.50 9.29 -0.65
C GLY A 30 -4.32 8.25 0.46
N PRO A 31 -5.16 8.33 1.49
CA PRO A 31 -5.09 7.41 2.61
C PRO A 31 -5.75 6.09 2.27
N MET A 32 -6.45 6.05 1.14
CA MET A 32 -7.25 4.89 0.78
C MET A 32 -6.46 3.91 -0.10
N LEU A 33 -6.20 2.73 0.44
CA LEU A 33 -5.54 1.67 -0.31
C LEU A 33 -6.53 0.57 -0.68
N CYS A 34 -6.57 0.23 -1.97
CA CYS A 34 -7.26 -0.98 -2.42
C CYS A 34 -6.30 -1.95 -3.10
N TYR A 35 -6.56 -3.24 -2.93
CA TYR A 35 -5.78 -4.26 -3.62
C TYR A 35 -6.69 -5.33 -4.21
N TRP A 36 -6.23 -5.96 -5.29
CA TRP A 36 -6.97 -7.04 -5.92
C TRP A 36 -6.15 -8.33 -5.95
N LYS A 37 -6.84 -9.47 -5.96
CA LYS A 37 -6.24 -10.72 -6.36
C LYS A 37 -5.65 -10.64 -7.76
N ARG A 38 -6.37 -9.96 -8.66
CA ARG A 38 -5.87 -9.71 -10.01
C ARG A 38 -6.24 -8.31 -10.46
N ARG A 39 -5.33 -7.67 -11.19
CA ARG A 39 -5.58 -6.35 -11.76
C ARG A 39 -6.90 -6.33 -12.52
N PRO A 40 -7.72 -5.33 -12.22
CA PRO A 40 -9.01 -5.18 -12.88
C PRO A 40 -8.87 -5.23 -14.40
N SER A 41 -9.81 -5.89 -15.06
CA SER A 41 -9.79 -6.01 -16.51
C SER A 41 -10.70 -4.99 -17.16
N GLY A 42 -11.16 -4.02 -16.38
CA GLY A 42 -12.09 -3.01 -16.86
C GLY A 42 -12.30 -1.92 -15.83
N PRO A 43 -13.25 -1.03 -16.10
CA PRO A 43 -13.50 0.13 -15.23
C PRO A 43 -14.23 -0.30 -13.96
N HIS A 44 -14.74 -1.52 -13.96
CA HIS A 44 -15.50 -2.03 -12.82
C HIS A 44 -14.65 -2.12 -11.57
N VAL A 45 -15.21 -1.72 -10.43
CA VAL A 45 -14.47 -1.68 -9.18
C VAL A 45 -14.91 -2.79 -8.25
N SER A 46 -14.00 -3.72 -7.96
CA SER A 46 -14.31 -4.86 -7.10
C SER A 46 -13.06 -5.33 -6.36
N PRO A 47 -12.69 -4.59 -5.32
CA PRO A 47 -11.45 -4.88 -4.59
C PRO A 47 -11.57 -6.15 -3.79
N THR A 48 -10.43 -6.81 -3.55
CA THR A 48 -10.39 -7.95 -2.66
C THR A 48 -10.34 -7.49 -1.20
N GLY A 49 -9.73 -6.34 -0.96
CA GLY A 49 -9.73 -5.73 0.36
C GLY A 49 -9.14 -4.32 0.31
N THR A 50 -9.23 -3.62 1.44
CA THR A 50 -8.74 -2.24 1.51
C THR A 50 -7.95 -2.01 2.79
N ILE A 51 -7.10 -0.99 2.77
CA ILE A 51 -6.43 -0.54 3.99
C ILE A 51 -6.53 0.98 4.13
N ASP A 52 -6.87 1.43 5.33
CA ASP A 52 -6.85 2.86 5.65
C ASP A 52 -5.50 3.27 6.22
N LEU A 53 -4.79 4.12 5.47
CA LEU A 53 -3.42 4.47 5.81
C LEU A 53 -3.34 5.89 6.37
N THR A 54 -4.42 6.33 7.01
CA THR A 54 -4.43 7.61 7.71
C THR A 54 -3.22 7.75 8.61
N ASN A 55 -2.34 8.69 8.27
CA ASN A 55 -1.18 9.00 9.10
C ASN A 55 -0.33 7.76 9.34
N ALA A 56 -0.33 6.85 8.38
CA ALA A 56 0.50 5.65 8.46
C ALA A 56 1.97 5.99 8.38
N ARG A 57 2.78 5.23 9.10
CA ARG A 57 4.24 5.37 9.03
C ARG A 57 4.83 4.40 8.01
N PHE A 58 5.77 4.89 7.20
CA PHE A 58 6.40 4.07 6.19
C PHE A 58 7.92 4.11 6.32
N VAL A 59 8.53 2.95 6.58
CA VAL A 59 9.96 2.88 6.85
C VAL A 59 10.66 1.98 5.85
N GLU A 60 11.70 2.52 5.21
CA GLU A 60 12.52 1.74 4.30
C GLU A 60 13.21 0.59 5.01
N ASN A 61 13.21 -0.58 4.37
CA ASN A 61 13.92 -1.74 4.91
C ASN A 61 15.42 -1.64 4.66
N PRO A 62 16.18 -1.56 5.75
CA PRO A 62 17.62 -1.35 5.66
C PRO A 62 18.27 -2.39 4.76
N LYS A 63 17.69 -3.58 4.73
CA LYS A 63 18.29 -4.72 4.02
C LYS A 63 17.73 -4.84 2.61
N ASP A 64 16.74 -4.00 2.29
CA ASP A 64 16.02 -4.12 1.03
C ASP A 64 15.49 -2.77 0.58
N PRO A 65 16.19 -2.13 -0.35
CA PRO A 65 15.92 -0.75 -0.72
C PRO A 65 14.77 -0.67 -1.71
N ARG A 66 14.05 -1.77 -1.89
CA ARG A 66 12.81 -1.77 -2.66
C ARG A 66 11.65 -2.35 -1.85
N SER A 67 11.87 -2.50 -0.54
CA SER A 67 10.80 -2.86 0.37
C SER A 67 10.67 -1.85 1.50
N TRP A 68 9.47 -1.76 2.09
CA TRP A 68 9.23 -0.89 3.22
C TRP A 68 8.18 -1.47 4.16
N THR A 69 8.17 -1.00 5.40
CA THR A 69 7.23 -1.49 6.39
C THR A 69 6.19 -0.42 6.75
N ILE A 70 4.98 -0.87 7.06
CA ILE A 70 3.87 0.05 7.32
C ILE A 70 3.24 -0.22 8.68
N GLU A 71 3.11 0.84 9.48
CA GLU A 71 2.51 0.72 10.80
C GLU A 71 1.79 2.01 11.18
N GLY A 72 0.89 1.91 12.16
CA GLY A 72 0.14 3.07 12.62
C GLY A 72 -1.35 2.90 12.38
N ASP A 73 -2.14 3.84 12.87
CA ASP A 73 -3.60 3.76 12.77
C ASP A 73 -4.11 2.44 13.31
N HIS A 74 -5.07 1.85 12.62
CA HIS A 74 -5.75 0.65 13.10
C HIS A 74 -4.88 -0.59 12.89
N LEU A 75 -3.79 -0.43 12.16
CA LEU A 75 -3.04 -1.57 11.65
C LEU A 75 -2.59 -2.49 12.78
N SER A 76 -2.69 -3.79 12.55
CA SER A 76 -2.23 -4.79 13.52
C SER A 76 -0.74 -5.05 13.36
N LYS A 77 0.02 -4.75 14.41
CA LYS A 77 1.48 -4.83 14.34
C LYS A 77 2.01 -4.03 13.15
N THR A 78 2.85 -4.68 12.35
CA THR A 78 3.51 -4.01 11.23
C THR A 78 3.40 -4.85 9.96
N PHE A 79 3.10 -4.19 8.84
CA PHE A 79 2.98 -4.87 7.56
C PHE A 79 4.17 -4.56 6.66
N THR A 80 4.41 -5.43 5.69
CA THR A 80 5.52 -5.25 4.75
C THR A 80 5.03 -5.26 3.31
N LEU A 81 5.53 -4.32 2.51
CA LEU A 81 5.29 -4.34 1.07
C LEU A 81 6.61 -4.37 0.30
N THR A 82 6.70 -5.29 -0.66
CA THR A 82 7.89 -5.40 -1.51
C THR A 82 7.58 -5.01 -2.95
N ALA A 83 8.37 -4.09 -3.48
CA ALA A 83 8.21 -3.67 -4.87
C ALA A 83 9.31 -4.24 -5.75
N ASP A 84 9.20 -4.02 -7.05
CA ASP A 84 10.18 -4.51 -8.00
C ASP A 84 11.42 -3.61 -8.02
N THR A 85 11.20 -2.30 -7.89
CA THR A 85 12.28 -1.33 -7.96
C THR A 85 12.14 -0.27 -6.87
N GLU A 86 13.28 0.29 -6.45
CA GLU A 86 13.28 1.33 -5.44
C GLU A 86 12.47 2.54 -5.89
N GLU A 87 12.32 2.68 -7.19
CA GLU A 87 11.54 3.79 -7.76
C GLU A 87 10.07 3.70 -7.32
N GLN A 88 9.58 2.48 -7.19
CA GLN A 88 8.21 2.25 -6.73
C GLN A 88 8.07 2.57 -5.24
N ARG A 89 9.06 2.15 -4.46
CA ARG A 89 9.08 2.44 -3.03
C ARG A 89 9.11 3.94 -2.79
N GLU A 90 9.99 4.64 -3.49
CA GLU A 90 10.11 6.09 -3.36
C GLU A 90 8.80 6.78 -3.71
N ALA A 91 8.20 6.38 -4.82
CA ALA A 91 6.92 6.94 -5.25
C ALA A 91 5.84 6.67 -4.20
N TRP A 92 5.77 5.44 -3.72
CA TRP A 92 4.80 5.06 -2.70
C TRP A 92 4.88 5.99 -1.49
N VAL A 93 6.06 6.06 -0.89
CA VAL A 93 6.24 6.77 0.37
C VAL A 93 6.17 8.28 0.17
N ARG A 94 6.82 8.75 -0.89
CA ARG A 94 6.85 10.17 -1.20
C ARG A 94 5.44 10.74 -1.32
N GLU A 95 4.60 10.06 -2.10
CA GLU A 95 3.25 10.55 -2.38
C GLU A 95 2.43 10.66 -1.11
N MET A 96 2.63 9.71 -0.20
CA MET A 96 1.90 9.67 1.06
C MET A 96 2.18 10.91 1.90
N SER A 97 3.34 11.50 1.69
CA SER A 97 3.80 12.62 2.51
C SER A 97 3.03 13.90 2.17
N LYS A 98 2.30 13.86 1.06
CA LYS A 98 1.52 15.02 0.63
C LYS A 98 0.06 14.87 1.05
N VAL A 99 -0.30 13.69 1.55
CA VAL A 99 -1.70 13.32 1.71
C VAL A 99 -2.31 13.99 2.93
N LYS A 100 -3.55 14.42 2.81
CA LYS A 100 -4.28 15.03 3.93
C LYS A 100 -5.54 14.26 4.25
N PRO A 101 -5.42 13.26 5.13
CA PRO A 101 -6.52 12.37 5.45
C PRO A 101 -7.69 13.15 6.05
N GLU A 102 -8.90 12.66 5.80
CA GLU A 102 -10.10 13.23 6.42
C GLU A 102 -10.52 12.43 7.64
N ASN A 103 -10.05 11.19 7.74
CA ASN A 103 -10.48 10.29 8.79
C ASN A 103 -9.68 10.53 10.06
N ARG A 104 -10.29 10.21 11.20
CA ARG A 104 -9.61 10.28 12.49
C ARG A 104 -8.67 9.09 12.68
N GLU A 105 -7.44 9.38 13.09
CA GLU A 105 -6.46 8.34 13.33
C GLU A 105 -6.93 7.37 14.40
N GLN A 106 -6.77 6.07 14.13
CA GLN A 106 -7.20 5.03 15.07
C GLN A 106 -6.04 4.55 15.93
N LEU A 107 -6.37 3.82 16.98
CA LEU A 107 -5.35 3.24 17.85
C LEU A 107 -4.80 1.95 17.28
N GLU A 108 -3.53 1.66 17.57
CA GLU A 108 -2.87 0.47 17.04
C GLU A 108 -3.36 -0.79 17.74
N HIS A 109 -3.32 -1.91 17.02
CA HIS A 109 -3.64 -3.20 17.60
C HIS A 109 -2.40 -4.07 17.76
N MET A 1 -12.36 5.43 -13.60
CA MET A 1 -11.12 5.68 -12.87
C MET A 1 -11.05 7.12 -12.38
N GLY A 2 -12.19 7.79 -12.37
CA GLY A 2 -12.24 9.22 -12.05
C GLY A 2 -11.95 9.47 -10.58
N SER A 3 -11.99 8.41 -9.78
CA SER A 3 -11.73 8.51 -8.35
C SER A 3 -10.32 8.03 -8.01
N VAL A 4 -9.52 7.76 -9.03
CA VAL A 4 -8.19 7.20 -8.85
C VAL A 4 -7.11 8.19 -9.23
N GLU A 5 -6.14 8.38 -8.35
CA GLU A 5 -5.05 9.33 -8.59
C GLU A 5 -3.79 8.60 -9.05
N TYR A 6 -3.70 7.32 -8.72
CA TYR A 6 -2.53 6.53 -9.05
C TYR A 6 -2.83 5.03 -9.01
N SER A 7 -2.15 4.27 -9.86
CA SER A 7 -2.27 2.81 -9.84
C SER A 7 -0.95 2.15 -10.23
N GLY A 8 -0.78 0.90 -9.81
CA GLY A 8 0.40 0.13 -10.18
C GLY A 8 0.35 -1.27 -9.58
N TYR A 9 1.46 -1.99 -9.69
CA TYR A 9 1.53 -3.36 -9.18
C TYR A 9 2.61 -3.49 -8.11
N LEU A 10 2.24 -4.05 -6.96
CA LEU A 10 3.16 -4.20 -5.84
C LEU A 10 3.61 -5.65 -5.69
N GLN A 11 4.78 -5.83 -5.10
CA GLN A 11 5.25 -7.16 -4.74
C GLN A 11 5.11 -7.42 -3.24
N LYS A 12 4.96 -8.68 -2.87
CA LYS A 12 5.01 -9.07 -1.47
C LYS A 12 5.68 -10.44 -1.30
N THR A 13 6.67 -10.49 -0.42
CA THR A 13 7.41 -11.72 -0.17
C THR A 13 6.70 -12.59 0.87
N GLY A 14 6.59 -13.89 0.57
CA GLY A 14 5.99 -14.83 1.51
C GLY A 14 6.49 -16.24 1.25
N GLY A 15 5.75 -17.22 1.76
CA GLY A 15 6.18 -18.62 1.71
C GLY A 15 6.92 -19.00 2.99
N LYS A 16 7.10 -20.29 3.20
CA LYS A 16 7.67 -20.80 4.45
C LYS A 16 8.99 -20.12 4.76
N PHE A 17 9.80 -19.91 3.73
CA PHE A 17 11.14 -19.36 3.91
C PHE A 17 11.25 -17.96 3.29
N TYR A 18 10.10 -17.33 3.08
CA TYR A 18 10.06 -15.98 2.52
C TYR A 18 10.87 -15.91 1.23
N LYS A 19 10.58 -16.81 0.30
CA LYS A 19 11.29 -16.87 -0.97
C LYS A 19 10.39 -16.45 -2.13
N LYS A 20 9.08 -16.58 -1.92
CA LYS A 20 8.11 -16.41 -3.00
C LYS A 20 7.62 -14.97 -3.07
N ASN A 21 7.75 -14.37 -4.25
CA ASN A 21 7.29 -13.00 -4.45
C ASN A 21 5.96 -12.97 -5.19
N GLN A 22 4.91 -12.53 -4.52
CA GLN A 22 3.57 -12.50 -5.10
C GLN A 22 3.21 -11.09 -5.57
N THR A 23 2.58 -11.02 -6.74
CA THR A 23 2.14 -9.74 -7.29
C THR A 23 0.77 -9.35 -6.76
N ARG A 24 0.65 -8.11 -6.29
CA ARG A 24 -0.64 -7.56 -5.89
C ARG A 24 -0.96 -6.29 -6.66
N TYR A 25 -2.26 -6.01 -6.80
CA TYR A 25 -2.70 -4.79 -7.46
C TYR A 25 -2.92 -3.67 -6.45
N PHE A 26 -2.39 -2.49 -6.77
CA PHE A 26 -2.57 -1.32 -5.92
C PHE A 26 -3.29 -0.20 -6.66
N GLU A 27 -4.34 0.34 -6.03
CA GLU A 27 -5.05 1.48 -6.58
C GLU A 27 -5.25 2.57 -5.53
N LEU A 28 -4.84 3.79 -5.89
CA LEU A 28 -4.91 4.91 -4.95
C LEU A 28 -6.20 5.69 -5.10
N ARG A 29 -7.01 5.69 -4.06
CA ARG A 29 -8.33 6.32 -4.10
C ARG A 29 -8.47 7.39 -3.02
N GLY A 30 -8.23 8.64 -3.40
CA GLY A 30 -8.14 9.73 -2.44
C GLY A 30 -7.04 9.47 -1.41
N PRO A 31 -7.40 9.55 -0.14
CA PRO A 31 -6.42 9.40 0.94
C PRO A 31 -6.20 7.93 1.28
N MET A 32 -6.89 7.05 0.57
CA MET A 32 -6.89 5.63 0.90
C MET A 32 -6.09 4.83 -0.11
N LEU A 33 -5.37 3.82 0.37
CA LEU A 33 -4.84 2.78 -0.49
C LEU A 33 -5.70 1.53 -0.45
N CYS A 34 -6.06 1.03 -1.63
CA CYS A 34 -6.71 -0.28 -1.74
C CYS A 34 -5.83 -1.27 -2.48
N TYR A 35 -5.78 -2.51 -1.98
CA TYR A 35 -5.05 -3.58 -2.66
C TYR A 35 -5.92 -4.82 -2.81
N TRP A 36 -5.65 -5.58 -3.87
CA TRP A 36 -6.37 -6.83 -4.11
C TRP A 36 -5.42 -8.01 -4.16
N LYS A 37 -5.89 -9.16 -3.69
CA LYS A 37 -5.22 -10.43 -3.96
C LYS A 37 -5.18 -10.72 -5.46
N ARG A 38 -6.22 -10.28 -6.16
CA ARG A 38 -6.32 -10.52 -7.60
C ARG A 38 -6.74 -9.27 -8.34
N ARG A 39 -6.18 -9.08 -9.53
CA ARG A 39 -6.45 -7.89 -10.33
C ARG A 39 -7.92 -7.86 -10.76
N PRO A 40 -8.58 -6.72 -10.50
CA PRO A 40 -9.99 -6.57 -10.84
C PRO A 40 -10.18 -6.47 -12.35
N SER A 41 -11.32 -6.95 -12.83
CA SER A 41 -11.63 -6.91 -14.26
C SER A 41 -12.66 -5.83 -14.56
N GLY A 42 -13.00 -5.04 -13.56
CA GLY A 42 -14.02 -4.01 -13.69
C GLY A 42 -14.26 -3.28 -12.38
N PRO A 43 -15.24 -2.38 -12.37
CA PRO A 43 -15.57 -1.62 -11.18
C PRO A 43 -16.31 -2.47 -10.16
N HIS A 44 -16.43 -1.96 -8.94
CA HIS A 44 -17.23 -2.61 -7.91
C HIS A 44 -16.67 -3.97 -7.55
N VAL A 45 -15.33 -4.06 -7.49
CA VAL A 45 -14.66 -5.25 -7.01
C VAL A 45 -14.07 -5.03 -5.64
N SER A 46 -14.56 -5.77 -4.65
CA SER A 46 -14.20 -5.54 -3.25
C SER A 46 -12.70 -5.76 -3.04
N PRO A 47 -12.09 -4.85 -2.29
CA PRO A 47 -10.66 -4.96 -1.97
C PRO A 47 -10.41 -6.06 -0.96
N THR A 48 -9.18 -6.55 -0.92
CA THR A 48 -8.74 -7.45 0.14
C THR A 48 -8.50 -6.69 1.44
N GLY A 49 -8.00 -5.46 1.32
CA GLY A 49 -7.85 -4.59 2.48
C GLY A 49 -7.47 -3.18 2.05
N THR A 50 -7.46 -2.26 3.01
CA THR A 50 -7.14 -0.87 2.73
C THR A 50 -6.15 -0.30 3.73
N ILE A 51 -5.43 0.74 3.33
CA ILE A 51 -4.57 1.48 4.24
C ILE A 51 -4.87 2.97 4.19
N ASP A 52 -5.04 3.57 5.37
CA ASP A 52 -5.21 5.01 5.48
C ASP A 52 -3.88 5.73 5.42
N LEU A 53 -3.64 6.45 4.32
CA LEU A 53 -2.31 6.95 4.01
C LEU A 53 -2.02 8.25 4.74
N THR A 54 -3.01 8.75 5.48
CA THR A 54 -2.90 10.04 6.14
C THR A 54 -1.75 10.04 7.14
N ASN A 55 -0.69 10.76 6.81
CA ASN A 55 0.51 10.79 7.65
C ASN A 55 0.97 9.38 8.00
N ALA A 56 0.79 8.45 7.06
CA ALA A 56 1.13 7.06 7.30
C ALA A 56 2.64 6.89 7.49
N ARG A 57 3.02 5.93 8.33
CA ARG A 57 4.43 5.64 8.57
C ARG A 57 4.90 4.48 7.70
N PHE A 58 6.06 4.67 7.07
CA PHE A 58 6.66 3.62 6.25
C PHE A 58 8.08 3.31 6.69
N VAL A 59 8.32 2.07 7.09
CA VAL A 59 9.60 1.67 7.63
C VAL A 59 10.26 0.61 6.74
N GLU A 60 11.58 0.71 6.59
CA GLU A 60 12.32 -0.16 5.68
C GLU A 60 12.52 -1.53 6.29
N ASN A 61 12.61 -2.54 5.43
CA ASN A 61 13.06 -3.87 5.86
C ASN A 61 14.57 -3.94 5.96
N PRO A 62 15.06 -4.19 7.17
CA PRO A 62 16.50 -4.18 7.42
C PRO A 62 17.23 -5.11 6.46
N LYS A 63 16.55 -6.16 6.01
CA LYS A 63 17.18 -7.19 5.21
C LYS A 63 17.04 -6.88 3.72
N ASP A 64 16.21 -5.90 3.40
CA ASP A 64 15.87 -5.61 2.01
C ASP A 64 15.48 -4.14 1.84
N PRO A 65 16.45 -3.34 1.39
CA PRO A 65 16.22 -1.90 1.23
C PRO A 65 15.08 -1.63 0.25
N ARG A 66 14.73 -2.64 -0.53
CA ARG A 66 13.70 -2.49 -1.56
C ARG A 66 12.32 -2.68 -0.97
N SER A 67 12.25 -3.19 0.25
CA SER A 67 10.99 -3.56 0.86
C SER A 67 10.69 -2.70 2.09
N TRP A 68 9.42 -2.53 2.41
CA TRP A 68 9.00 -1.80 3.59
C TRP A 68 7.73 -2.36 4.19
N THR A 69 7.45 -2.02 5.44
CA THR A 69 6.25 -2.49 6.11
C THR A 69 5.39 -1.33 6.58
N ILE A 70 4.08 -1.56 6.66
CA ILE A 70 3.15 -0.54 7.14
C ILE A 70 2.33 -1.06 8.31
N GLU A 71 2.26 -0.27 9.37
CA GLU A 71 1.55 -0.66 10.59
C GLU A 71 0.47 0.34 10.95
N GLY A 72 -0.58 -0.13 11.61
CA GLY A 72 -1.68 0.74 12.03
C GLY A 72 -2.44 1.26 10.83
N ASP A 73 -2.53 2.58 10.72
CA ASP A 73 -3.25 3.22 9.63
C ASP A 73 -4.68 2.71 9.52
N HIS A 74 -5.30 2.47 10.68
CA HIS A 74 -6.70 2.07 10.73
C HIS A 74 -6.93 0.77 9.97
N LEU A 75 -5.91 -0.08 9.93
CA LEU A 75 -6.07 -1.44 9.43
C LEU A 75 -5.79 -2.46 10.54
N SER A 76 -6.69 -3.42 10.69
CA SER A 76 -6.63 -4.37 11.78
C SER A 76 -5.31 -5.12 11.78
N LYS A 77 -4.83 -5.48 10.59
CA LYS A 77 -3.58 -6.20 10.45
C LYS A 77 -2.52 -5.36 9.76
N THR A 78 -1.25 -5.72 9.94
CA THR A 78 -0.16 -5.11 9.21
C THR A 78 -0.07 -5.65 7.80
N PHE A 79 0.74 -4.99 6.96
CA PHE A 79 0.94 -5.42 5.58
C PHE A 79 2.35 -5.07 5.10
N THR A 80 2.90 -5.93 4.25
CA THR A 80 4.23 -5.72 3.72
C THR A 80 4.19 -5.41 2.22
N LEU A 81 4.91 -4.36 1.82
CA LEU A 81 4.98 -3.98 0.41
C LEU A 81 6.40 -4.00 -0.09
N THR A 82 6.60 -4.50 -1.31
CA THR A 82 7.92 -4.56 -1.92
C THR A 82 7.92 -3.90 -3.30
N ALA A 83 8.97 -3.14 -3.58
CA ALA A 83 9.16 -2.55 -4.90
C ALA A 83 10.25 -3.27 -5.67
N ASP A 84 10.26 -3.09 -6.99
CA ASP A 84 11.22 -3.76 -7.85
C ASP A 84 12.65 -3.35 -7.50
N THR A 85 12.82 -2.08 -7.16
CA THR A 85 14.14 -1.56 -6.81
C THR A 85 14.04 -0.46 -5.76
N GLU A 86 15.17 0.11 -5.39
CA GLU A 86 15.23 1.08 -4.29
C GLU A 86 14.65 2.42 -4.71
N GLU A 87 14.92 2.82 -5.96
CA GLU A 87 14.41 4.08 -6.48
C GLU A 87 12.88 4.07 -6.53
N GLN A 88 12.30 2.92 -6.87
CA GLN A 88 10.86 2.78 -6.93
C GLN A 88 10.24 2.77 -5.53
N ARG A 89 10.93 2.12 -4.60
CA ARG A 89 10.51 2.12 -3.19
C ARG A 89 10.35 3.56 -2.68
N GLU A 90 11.40 4.36 -2.82
CA GLU A 90 11.39 5.72 -2.32
C GLU A 90 10.34 6.57 -3.03
N ALA A 91 10.28 6.43 -4.36
CA ALA A 91 9.31 7.17 -5.15
C ALA A 91 7.88 6.84 -4.72
N TRP A 92 7.62 5.56 -4.47
CA TRP A 92 6.29 5.12 -4.08
C TRP A 92 5.89 5.72 -2.73
N VAL A 93 6.79 5.62 -1.75
CA VAL A 93 6.50 6.10 -0.40
C VAL A 93 6.27 7.60 -0.40
N ARG A 94 7.09 8.33 -1.14
CA ARG A 94 6.97 9.78 -1.25
C ARG A 94 5.59 10.17 -1.77
N GLU A 95 5.12 9.43 -2.77
CA GLU A 95 3.79 9.67 -3.33
C GLU A 95 2.70 9.48 -2.29
N MET A 96 2.84 8.43 -1.49
CA MET A 96 1.87 8.14 -0.44
C MET A 96 1.84 9.23 0.62
N SER A 97 3.00 9.84 0.86
CA SER A 97 3.15 10.81 1.94
C SER A 97 2.46 12.12 1.60
N LYS A 98 1.98 12.23 0.37
CA LYS A 98 1.29 13.43 -0.07
C LYS A 98 -0.11 13.51 0.52
N VAL A 99 -0.55 12.42 1.14
CA VAL A 99 -1.86 12.38 1.78
C VAL A 99 -1.79 12.93 3.20
N LYS A 100 -2.42 14.07 3.41
CA LYS A 100 -2.34 14.77 4.69
C LYS A 100 -3.30 15.94 4.74
N PRO A 101 -3.71 16.32 5.95
CA PRO A 101 -4.65 17.43 6.14
C PRO A 101 -4.04 18.74 5.70
N GLU A 102 -2.72 18.76 5.55
CA GLU A 102 -2.01 19.96 5.11
C GLU A 102 -2.23 20.22 3.63
N ASN A 103 -2.64 19.18 2.91
CA ASN A 103 -2.72 19.25 1.45
C ASN A 103 -4.13 19.59 1.00
N ARG A 104 -4.27 19.85 -0.31
CA ARG A 104 -5.58 20.18 -0.87
C ARG A 104 -6.33 18.91 -1.28
N GLU A 105 -7.57 18.79 -0.81
CA GLU A 105 -8.41 17.65 -1.16
C GLU A 105 -8.71 17.62 -2.65
N GLN A 106 -8.73 16.42 -3.22
CA GLN A 106 -8.99 16.26 -4.64
C GLN A 106 -10.44 15.84 -4.89
N LEU A 107 -10.95 16.14 -6.08
CA LEU A 107 -12.31 15.79 -6.45
C LEU A 107 -12.33 14.68 -7.49
N GLU A 108 -13.41 13.91 -7.51
CA GLU A 108 -13.66 12.96 -8.58
C GLU A 108 -13.91 13.66 -9.91
N HIS A 109 -13.27 13.18 -10.96
CA HIS A 109 -13.50 13.72 -12.30
C HIS A 109 -13.67 12.60 -13.32
#